data_4TRY
#
_entry.id   4TRY
#
_cell.length_a   82.326
_cell.length_b   102.618
_cell.length_c   101.287
_cell.angle_alpha   90.000
_cell.angle_beta   103.530
_cell.angle_gamma   90.000
#
_symmetry.space_group_name_H-M   'P 1 21 1'
#
loop_
_entity.id
_entity.type
_entity.pdbx_description
1 polymer 'Beta-secretase 1'
2 polymer GLU-ILE-TIH-THC-NVA
3 water water
#
loop_
_entity_poly.entity_id
_entity_poly.type
_entity_poly.pdbx_seq_one_letter_code
_entity_poly.pdbx_strand_id
1 'polypeptide(L)'
;FVEMVDNLRGKSGQGYYVEMTVGSPPQTLNILVDTGSSNFAVGAAPHPFLHRYYQRQLSSTYRDLRKGVYVPYTQGKWEG
ELGTDLVSIPHGPNVTVRANIAAITESDKFFINGSNWEGILGLAYAEIARPDDSLEPFFDSLVKQTHVPNLFSLQLCGAG
FPLNQSEVLASVGGSMIIGGIDHSLYTGSLWYTPIRREWYYEVIIVRVEINGQDLKMDCKEYNYDKSIVDSGTTNLRLPK
KVFEAAVKSIKAASSTEKFPDGFWLGEQLVCWQAGTTPWNIFPVISLYLMGEVTNQSFRITILPQQYLRPVEDVATSQDD
CYKFAISQSSTGTVMGAVIMEGFYVVFDRARKRIGFAVSACHVHDEFRTAAVEGPFVTLDMEDCGYNI
;
A,B,C
2 'polypeptide(L)' EI(TIH)(36D) D,E,F
#
# COMPACT_ATOMS: atom_id res chain seq x y z
N PHE A 1 17.06 -25.30 -14.62
CA PHE A 1 16.60 -24.04 -15.30
C PHE A 1 17.64 -23.31 -16.15
N VAL A 2 18.92 -23.52 -15.87
CA VAL A 2 19.94 -22.76 -16.58
C VAL A 2 19.92 -23.14 -18.05
N GLU A 3 19.63 -24.41 -18.34
CA GLU A 3 19.53 -24.88 -19.72
C GLU A 3 18.49 -24.13 -20.50
N MET A 4 17.53 -23.51 -19.79
CA MET A 4 16.45 -22.77 -20.45
C MET A 4 16.72 -21.30 -20.63
N VAL A 5 17.71 -20.75 -19.92
CA VAL A 5 18.04 -19.34 -20.09
C VAL A 5 18.57 -19.15 -21.50
N ASP A 6 18.25 -18.00 -22.07
CA ASP A 6 18.58 -17.66 -23.45
C ASP A 6 18.01 -18.55 -24.54
N ASN A 7 16.91 -19.23 -24.28
CA ASN A 7 16.33 -20.14 -25.27
C ASN A 7 15.38 -19.50 -26.23
N LEU A 8 15.26 -18.18 -26.20
CA LEU A 8 14.42 -17.44 -27.13
C LEU A 8 15.18 -16.50 -28.02
N ARG A 9 14.89 -16.56 -29.33
CA ARG A 9 15.43 -15.63 -30.32
C ARG A 9 14.35 -14.84 -31.09
N GLY A 10 14.59 -13.56 -31.34
CA GLY A 10 13.63 -12.67 -31.97
C GLY A 10 13.54 -11.31 -31.34
N LYS A 11 12.50 -10.58 -31.69
CA LYS A 11 12.32 -9.25 -31.18
C LYS A 11 10.85 -8.83 -31.26
N SER A 12 10.51 -7.74 -30.58
CA SER A 12 9.13 -7.29 -30.41
C SER A 12 8.34 -7.02 -31.71
N GLY A 13 9.05 -6.59 -32.76
CA GLY A 13 8.37 -6.19 -33.99
C GLY A 13 7.95 -7.38 -34.82
N GLN A 14 8.58 -8.52 -34.55
CA GLN A 14 8.31 -9.72 -35.33
C GLN A 14 8.15 -10.99 -34.54
N GLY A 15 8.27 -10.92 -33.23
CA GLY A 15 7.99 -12.06 -32.40
C GLY A 15 9.24 -12.75 -31.89
N TYR A 16 9.09 -13.28 -30.68
CA TYR A 16 10.09 -14.10 -30.00
C TYR A 16 9.72 -15.57 -30.22
N TYR A 17 10.73 -16.40 -30.52
CA TYR A 17 10.50 -17.82 -30.79
C TYR A 17 11.47 -18.72 -30.02
N VAL A 18 11.08 -19.97 -29.92
CA VAL A 18 11.79 -21.00 -29.21
C VAL A 18 11.95 -22.19 -30.18
N GLU A 19 13.09 -22.89 -30.10
CA GLU A 19 13.28 -24.10 -30.84
C GLU A 19 12.45 -25.22 -30.22
N MET A 20 11.81 -26.01 -31.09
CA MET A 20 11.11 -27.24 -30.73
C MET A 20 11.31 -28.23 -31.86
N THR A 21 10.89 -29.45 -31.60
CA THR A 21 10.99 -30.53 -32.58
C THR A 21 9.72 -31.33 -32.55
N VAL A 22 9.35 -31.84 -33.71
CA VAL A 22 8.11 -32.59 -33.86
C VAL A 22 8.38 -33.82 -34.70
N GLY A 23 7.63 -34.89 -34.39
CA GLY A 23 7.74 -36.14 -35.11
C GLY A 23 8.91 -37.01 -34.72
N SER A 24 8.84 -38.26 -35.14
CA SER A 24 9.97 -39.18 -35.10
C SER A 24 10.30 -39.56 -36.55
N PRO A 25 11.51 -39.23 -37.03
CA PRO A 25 12.61 -38.55 -36.33
C PRO A 25 12.31 -37.06 -36.13
N PRO A 26 12.95 -36.43 -35.12
CA PRO A 26 12.62 -35.05 -34.76
C PRO A 26 12.90 -34.05 -35.87
N GLN A 27 11.88 -33.27 -36.26
CA GLN A 27 12.07 -32.14 -37.16
C GLN A 27 12.13 -30.82 -36.38
N THR A 28 13.21 -30.09 -36.56
CA THR A 28 13.44 -28.89 -35.83
C THR A 28 12.70 -27.74 -36.45
N LEU A 29 12.03 -26.95 -35.61
CA LEU A 29 11.33 -25.75 -36.05
C LEU A 29 11.41 -24.63 -35.06
N ASN A 30 11.37 -23.41 -35.56
CA ASN A 30 11.28 -22.24 -34.71
C ASN A 30 9.83 -21.84 -34.66
N ILE A 31 9.35 -21.69 -33.43
CA ILE A 31 7.95 -21.54 -33.13
C ILE A 31 7.74 -20.33 -32.25
N LEU A 32 6.85 -19.43 -32.68
CA LEU A 32 6.65 -18.12 -32.04
C LEU A 32 5.88 -18.29 -30.78
N VAL A 33 6.31 -17.60 -29.76
CA VAL A 33 5.77 -17.79 -28.42
C VAL A 33 4.67 -16.76 -28.19
N ASP A 34 3.41 -17.19 -28.22
CA ASP A 34 2.27 -16.24 -28.19
C ASP A 34 1.28 -16.47 -27.06
N THR A 35 1.30 -15.66 -26.00
CA THR A 35 0.39 -15.86 -24.86
C THR A 35 -1.01 -15.37 -25.17
N GLY A 36 -1.21 -14.85 -26.36
CA GLY A 36 -2.54 -14.43 -26.80
C GLY A 36 -3.35 -15.39 -27.66
N SER A 37 -3.01 -16.68 -27.67
CA SER A 37 -3.79 -17.65 -28.44
C SER A 37 -3.48 -18.97 -27.84
N SER A 38 -4.16 -20.04 -28.26
CA SER A 38 -4.08 -21.33 -27.54
C SER A 38 -3.87 -22.55 -28.43
N ASN A 39 -3.40 -22.29 -29.64
CA ASN A 39 -3.29 -23.29 -30.67
C ASN A 39 -1.82 -23.38 -31.04
N PHE A 40 -1.30 -24.59 -31.06
CA PHE A 40 0.03 -24.85 -31.55
C PHE A 40 -0.12 -25.17 -33.05
N ALA A 41 0.65 -24.49 -33.91
CA ALA A 41 0.45 -24.61 -35.35
C ALA A 41 1.76 -24.40 -36.10
N VAL A 42 1.92 -25.15 -37.17
CA VAL A 42 3.12 -25.07 -37.99
C VAL A 42 2.82 -25.01 -39.49
N GLY A 43 3.78 -24.47 -40.24
CA GLY A 43 3.82 -24.59 -41.69
C GLY A 43 4.08 -26.05 -42.01
N ALA A 44 3.28 -26.61 -42.91
CA ALA A 44 3.36 -28.02 -43.30
C ALA A 44 3.51 -28.19 -44.80
N ALA A 45 3.93 -27.11 -45.45
CA ALA A 45 3.99 -27.01 -46.90
C ALA A 45 4.94 -25.87 -47.24
N PRO A 46 5.36 -25.78 -48.50
CA PRO A 46 6.28 -24.71 -48.85
C PRO A 46 5.55 -23.39 -49.00
N HIS A 47 6.27 -22.32 -48.69
CA HIS A 47 5.73 -20.97 -48.66
C HIS A 47 6.94 -20.01 -48.80
N PRO A 48 6.77 -18.89 -49.55
CA PRO A 48 7.89 -17.96 -49.83
C PRO A 48 8.66 -17.47 -48.61
N PHE A 49 7.96 -17.12 -47.53
CA PHE A 49 8.59 -16.72 -46.26
C PHE A 49 9.17 -17.85 -45.39
N LEU A 50 8.90 -19.11 -45.74
CA LEU A 50 9.40 -20.26 -44.98
C LEU A 50 10.68 -20.94 -45.50
N HIS A 51 11.67 -21.06 -44.62
CA HIS A 51 12.89 -21.80 -44.91
C HIS A 51 12.70 -23.30 -44.71
N ARG A 52 11.72 -23.69 -43.90
CA ARG A 52 11.42 -25.09 -43.71
C ARG A 52 10.02 -25.27 -43.12
N TYR A 53 9.58 -26.53 -42.99
CA TYR A 53 8.22 -26.81 -42.57
C TYR A 53 8.05 -28.25 -42.14
N TYR A 54 6.82 -28.58 -41.76
CA TYR A 54 6.49 -29.86 -41.17
C TYR A 54 5.94 -30.85 -42.20
N GLN A 55 6.67 -31.96 -42.33
CA GLN A 55 6.37 -33.02 -43.25
C GLN A 55 5.82 -34.18 -42.45
N ARG A 56 4.51 -34.22 -42.36
CA ARG A 56 3.83 -35.26 -41.61
C ARG A 56 4.12 -36.65 -42.18
N GLN A 57 4.15 -36.72 -43.51
CA GLN A 57 4.49 -37.94 -44.23
C GLN A 57 5.81 -38.59 -43.72
N LEU A 58 6.78 -37.77 -43.28
CA LEU A 58 8.05 -38.28 -42.72
C LEU A 58 7.91 -38.67 -41.27
N SER A 59 6.90 -38.17 -40.58
CA SER A 59 6.74 -38.54 -39.18
C SER A 59 6.39 -39.99 -38.98
N SER A 60 7.25 -40.69 -38.26
CA SER A 60 6.98 -42.04 -37.82
C SER A 60 5.70 -42.03 -36.99
N THR A 61 5.47 -40.96 -36.23
CA THR A 61 4.40 -40.94 -35.24
C THR A 61 3.24 -39.97 -35.42
N TYR A 62 3.18 -39.26 -36.55
CA TYR A 62 2.03 -38.38 -36.80
C TYR A 62 0.79 -39.26 -36.80
N ARG A 63 -0.12 -39.04 -35.86
CA ARG A 63 -1.50 -39.50 -36.01
C ARG A 63 -2.25 -38.36 -36.68
N ASP A 64 -3.47 -38.64 -37.15
CA ASP A 64 -4.31 -37.66 -37.81
C ASP A 64 -5.68 -37.68 -37.14
N LEU A 65 -6.37 -36.55 -37.20
CA LEU A 65 -7.68 -36.43 -36.57
C LEU A 65 -8.77 -36.11 -37.59
N ARG A 66 -8.42 -36.01 -38.86
CA ARG A 66 -9.45 -35.89 -39.89
C ARG A 66 -10.43 -34.75 -39.56
N LYS A 67 -9.89 -33.65 -39.05
CA LYS A 67 -10.71 -32.55 -38.62
C LYS A 67 -9.97 -31.33 -39.12
N GLY A 68 -10.69 -30.25 -39.31
CA GLY A 68 -10.12 -29.03 -39.86
C GLY A 68 -10.15 -27.94 -38.81
N VAL A 69 -9.45 -26.85 -39.11
CA VAL A 69 -9.32 -25.81 -38.12
C VAL A 69 -8.98 -24.50 -38.76
N TYR A 70 -9.53 -23.46 -38.18
CA TYR A 70 -9.30 -22.10 -38.59
C TYR A 70 -9.01 -21.25 -37.33
N VAL A 71 -7.95 -20.45 -37.39
CA VAL A 71 -7.72 -19.41 -36.38
C VAL A 71 -7.62 -18.01 -36.97
N PRO A 72 -8.40 -17.03 -36.35
CA PRO A 72 -8.08 -15.66 -36.76
C PRO A 72 -7.45 -14.84 -35.63
N TYR A 73 -6.37 -14.12 -35.92
CA TYR A 73 -5.71 -13.32 -34.94
C TYR A 73 -6.10 -11.89 -35.22
N THR A 74 -5.71 -10.95 -34.36
CA THR A 74 -6.00 -9.58 -34.67
C THR A 74 -5.45 -9.23 -36.01
N GLN A 75 -4.28 -9.78 -36.29
CA GLN A 75 -3.66 -9.68 -37.61
C GLN A 75 -3.12 -11.02 -38.12
N GLY A 76 -3.72 -11.49 -39.20
CA GLY A 76 -3.31 -12.73 -39.83
C GLY A 76 -4.26 -13.84 -39.45
N LYS A 77 -4.22 -14.92 -40.23
CA LYS A 77 -5.12 -16.03 -40.02
C LYS A 77 -4.58 -17.18 -40.79
N TRP A 78 -4.86 -18.40 -40.33
CA TRP A 78 -4.46 -19.59 -41.05
C TRP A 78 -5.52 -20.67 -40.87
N GLU A 79 -5.37 -21.75 -41.65
CA GLU A 79 -6.37 -22.78 -41.84
C GLU A 79 -5.60 -24.09 -41.97
N GLY A 80 -6.13 -25.22 -41.50
CA GLY A 80 -5.33 -26.46 -41.59
C GLY A 80 -5.89 -27.73 -40.98
N GLU A 81 -4.99 -28.71 -40.81
CA GLU A 81 -5.39 -30.10 -40.53
C GLU A 81 -4.86 -30.56 -39.18
N LEU A 82 -5.77 -30.78 -38.25
CA LEU A 82 -5.37 -31.25 -36.96
C LEU A 82 -4.81 -32.65 -37.02
N GLY A 83 -3.68 -32.84 -36.39
CA GLY A 83 -3.15 -34.16 -36.11
C GLY A 83 -2.55 -34.14 -34.74
N THR A 84 -1.82 -35.18 -34.36
CA THR A 84 -1.04 -35.17 -33.13
C THR A 84 0.34 -35.67 -33.45
N ASP A 85 1.31 -35.33 -32.61
CA ASP A 85 2.64 -35.88 -32.77
C ASP A 85 3.45 -35.66 -31.51
N LEU A 86 4.60 -36.33 -31.44
CA LEU A 86 5.52 -36.15 -30.33
C LEU A 86 6.28 -34.83 -30.49
N VAL A 87 6.40 -34.10 -29.37
CA VAL A 87 6.97 -32.78 -29.36
C VAL A 87 7.98 -32.67 -28.24
N SER A 88 9.11 -32.02 -28.54
CA SER A 88 10.11 -31.66 -27.54
C SER A 88 10.51 -30.22 -27.71
N ILE A 89 11.00 -29.66 -26.60
CA ILE A 89 11.67 -28.37 -26.55
C ILE A 89 13.13 -28.66 -26.19
N PRO A 90 14.05 -28.49 -27.13
CA PRO A 90 15.42 -28.92 -26.84
C PRO A 90 15.96 -28.17 -25.63
N HIS A 91 15.69 -26.87 -25.56
CA HIS A 91 15.92 -26.10 -24.34
C HIS A 91 14.99 -26.56 -23.21
N GLY A 92 13.75 -26.87 -23.58
CA GLY A 92 12.64 -27.06 -22.65
C GLY A 92 12.68 -28.39 -21.92
N PRO A 93 12.11 -28.48 -20.71
CA PRO A 93 12.38 -29.70 -19.93
C PRO A 93 12.21 -30.95 -20.78
N ASN A 94 13.13 -31.89 -20.61
CA ASN A 94 13.30 -33.00 -21.53
C ASN A 94 12.31 -34.09 -21.21
N VAL A 95 11.04 -33.71 -21.35
CA VAL A 95 9.96 -34.66 -21.41
C VAL A 95 9.31 -34.45 -22.77
N THR A 96 9.31 -35.51 -23.56
CA THR A 96 8.60 -35.53 -24.86
C THR A 96 7.12 -35.80 -24.65
N VAL A 97 6.25 -35.08 -25.35
CA VAL A 97 4.81 -35.32 -25.17
C VAL A 97 4.05 -35.44 -26.48
N ARG A 98 2.89 -36.07 -26.41
CA ARG A 98 2.01 -36.05 -27.54
C ARG A 98 1.13 -34.81 -27.42
N ALA A 99 1.04 -34.05 -28.51
CA ALA A 99 0.29 -32.81 -28.52
C ALA A 99 -0.51 -32.58 -29.80
N ASN A 100 -1.55 -31.79 -29.70
CA ASN A 100 -2.30 -31.40 -30.87
C ASN A 100 -1.39 -30.52 -31.73
N ILE A 101 -1.39 -30.74 -33.04
CA ILE A 101 -0.68 -29.88 -33.98
C ILE A 101 -1.57 -29.59 -35.17
N ALA A 102 -1.72 -28.31 -35.48
CA ALA A 102 -2.36 -27.88 -36.68
C ALA A 102 -1.26 -27.81 -37.72
N ALA A 103 -1.49 -28.46 -38.86
CA ALA A 103 -0.63 -28.33 -40.01
C ALA A 103 -1.21 -27.29 -40.96
N ILE A 104 -0.54 -26.16 -41.10
CA ILE A 104 -1.06 -25.05 -41.88
C ILE A 104 -0.95 -25.28 -43.39
N THR A 105 -2.08 -25.02 -44.07
CA THR A 105 -2.26 -25.19 -45.51
C THR A 105 -2.49 -23.85 -46.28
N GLU A 106 -3.26 -22.94 -45.68
CA GLU A 106 -3.58 -21.65 -46.30
C GLU A 106 -3.35 -20.64 -45.17
N SER A 107 -2.92 -19.43 -45.51
CA SER A 107 -2.64 -18.44 -44.48
C SER A 107 -2.67 -17.04 -45.07
N ASP A 108 -3.07 -16.05 -44.28
CA ASP A 108 -3.08 -14.68 -44.78
C ASP A 108 -2.51 -13.75 -43.72
N LYS A 109 -1.43 -13.07 -44.09
CA LYS A 109 -0.76 -12.09 -43.24
C LYS A 109 -0.25 -12.68 -41.92
N PHE A 110 0.07 -13.97 -41.94
CA PHE A 110 0.49 -14.69 -40.72
C PHE A 110 1.99 -14.99 -40.58
N PHE A 111 2.60 -15.57 -41.60
CA PHE A 111 4.04 -15.74 -41.64
C PHE A 111 4.66 -14.40 -41.97
N ILE A 112 5.82 -14.12 -41.38
CA ILE A 112 6.44 -12.81 -41.51
C ILE A 112 7.74 -13.17 -42.18
N ASN A 113 8.12 -12.38 -43.16
CA ASN A 113 9.33 -12.64 -43.89
C ASN A 113 10.59 -12.23 -43.10
N GLY A 114 11.50 -13.18 -42.93
CA GLY A 114 12.72 -12.96 -42.16
C GLY A 114 12.64 -13.17 -40.65
N SER A 115 11.43 -13.34 -40.14
CA SER A 115 11.24 -13.53 -38.71
C SER A 115 11.90 -14.82 -38.22
N ASN A 116 12.12 -15.75 -39.14
CA ASN A 116 12.86 -16.99 -38.87
C ASN A 116 12.17 -18.09 -38.08
N TRP A 117 10.92 -17.86 -37.70
CA TRP A 117 10.07 -18.93 -37.20
C TRP A 117 9.21 -19.53 -38.31
N GLU A 118 8.60 -20.66 -38.02
CA GLU A 118 7.77 -21.37 -38.96
C GLU A 118 6.44 -21.79 -38.38
N GLY A 119 6.09 -21.31 -37.20
CA GLY A 119 4.91 -21.83 -36.49
C GLY A 119 4.68 -21.01 -35.23
N ILE A 120 3.63 -21.37 -34.47
CA ILE A 120 3.21 -20.57 -33.33
C ILE A 120 2.78 -21.46 -32.16
N LEU A 121 3.03 -21.00 -30.95
CA LEU A 121 2.71 -21.75 -29.75
C LEU A 121 1.87 -20.84 -28.92
N GLY A 122 0.58 -21.17 -28.85
CA GLY A 122 -0.37 -20.43 -28.03
C GLY A 122 -0.30 -20.90 -26.60
N LEU A 123 0.14 -20.05 -25.67
CA LEU A 123 0.23 -20.57 -24.29
C LEU A 123 -0.93 -20.20 -23.42
N ALA A 124 -2.02 -19.71 -24.02
CA ALA A 124 -3.19 -19.28 -23.23
C ALA A 124 -4.13 -20.46 -23.05
N TYR A 125 -5.30 -20.25 -22.46
CA TYR A 125 -6.12 -21.39 -21.98
C TYR A 125 -7.05 -21.98 -23.07
N ALA A 126 -7.62 -23.14 -22.79
CA ALA A 126 -8.41 -23.86 -23.76
C ALA A 126 -9.70 -23.22 -24.29
N GLU A 127 -10.30 -22.37 -23.50
CA GLU A 127 -11.59 -21.83 -23.87
C GLU A 127 -11.46 -21.06 -25.19
N ILE A 128 -10.26 -20.54 -25.42
CA ILE A 128 -9.94 -19.81 -26.65
C ILE A 128 -9.41 -20.66 -27.80
N ALA A 129 -9.08 -21.92 -27.53
CA ALA A 129 -8.57 -22.79 -28.60
C ALA A 129 -9.59 -22.91 -29.70
N ARG A 130 -9.13 -22.83 -30.95
CA ARG A 130 -9.95 -23.28 -32.09
C ARG A 130 -9.71 -24.77 -32.36
N PRO A 131 -10.71 -25.50 -32.85
CA PRO A 131 -12.02 -25.03 -33.25
C PRO A 131 -12.94 -24.93 -32.05
N ASP A 132 -12.62 -25.64 -30.96
CA ASP A 132 -13.31 -25.48 -29.67
C ASP A 132 -12.45 -25.87 -28.47
N ASP A 133 -13.01 -25.69 -27.28
CA ASP A 133 -12.28 -25.85 -26.03
C ASP A 133 -11.84 -27.25 -25.61
N SER A 134 -12.15 -28.29 -26.38
CA SER A 134 -11.65 -29.64 -26.08
C SER A 134 -10.35 -29.95 -26.85
N LEU A 135 -9.91 -29.03 -27.69
CA LEU A 135 -8.60 -29.16 -28.29
C LEU A 135 -7.54 -28.68 -27.30
N GLU A 136 -7.10 -29.61 -26.47
CA GLU A 136 -6.08 -29.39 -25.44
C GLU A 136 -4.83 -28.65 -25.94
N PRO A 137 -4.61 -27.39 -25.48
CA PRO A 137 -3.38 -26.66 -25.91
C PRO A 137 -2.08 -27.30 -25.44
N PHE A 138 -1.01 -26.97 -26.11
CA PHE A 138 0.25 -27.60 -25.80
C PHE A 138 0.54 -27.75 -24.30
N PHE A 139 0.45 -26.65 -23.56
CA PHE A 139 0.93 -26.59 -22.20
C PHE A 139 0.05 -27.41 -21.26
N ASP A 140 -1.22 -27.52 -21.60
CA ASP A 140 -2.08 -28.42 -20.85
C ASP A 140 -1.58 -29.84 -21.05
N SER A 141 -1.22 -30.17 -22.29
CA SER A 141 -0.67 -31.49 -22.59
C SER A 141 0.62 -31.75 -21.81
N LEU A 142 1.53 -30.77 -21.82
CA LEU A 142 2.82 -30.91 -21.13
C LEU A 142 2.61 -31.14 -19.63
N VAL A 143 1.69 -30.39 -19.03
CA VAL A 143 1.43 -30.58 -17.60
C VAL A 143 0.81 -31.95 -17.30
N LYS A 144 -0.17 -32.35 -18.10
CA LYS A 144 -0.91 -33.57 -17.85
C LYS A 144 -0.04 -34.85 -18.06
N GLN A 145 0.80 -34.87 -19.10
CA GLN A 145 1.65 -36.03 -19.38
C GLN A 145 3.02 -36.08 -18.65
N THR A 146 3.39 -35.05 -17.89
CA THR A 146 4.71 -35.03 -17.22
C THR A 146 4.60 -34.40 -15.83
N HIS A 147 5.74 -34.25 -15.16
CA HIS A 147 5.78 -33.64 -13.83
C HIS A 147 6.25 -32.18 -13.85
N VAL A 148 6.19 -31.56 -15.02
CA VAL A 148 6.46 -30.14 -15.15
C VAL A 148 5.40 -29.34 -14.38
N PRO A 149 5.82 -28.53 -13.41
CA PRO A 149 4.78 -27.75 -12.71
C PRO A 149 3.99 -26.80 -13.63
N ASN A 150 2.83 -26.35 -13.19
CA ASN A 150 1.94 -25.59 -14.05
C ASN A 150 2.08 -24.04 -13.98
N LEU A 151 3.23 -23.59 -14.47
CA LEU A 151 3.54 -22.19 -14.69
C LEU A 151 4.68 -22.09 -15.71
N PHE A 152 4.88 -20.91 -16.29
CA PHE A 152 6.09 -20.66 -17.08
C PHE A 152 6.35 -19.19 -16.95
N SER A 153 7.55 -18.75 -17.30
CA SER A 153 7.87 -17.33 -17.17
C SER A 153 8.60 -16.82 -18.42
N LEU A 154 8.54 -15.50 -18.65
CA LEU A 154 9.12 -14.92 -19.87
C LEU A 154 9.91 -13.66 -19.59
N GLN A 155 11.21 -13.73 -19.84
CA GLN A 155 12.05 -12.59 -19.94
C GLN A 155 12.33 -12.33 -21.41
N LEU A 156 11.74 -11.27 -21.92
CA LEU A 156 12.00 -10.84 -23.24
C LEU A 156 12.87 -9.65 -23.11
N CYS A 157 14.05 -9.73 -23.71
CA CYS A 157 14.87 -8.55 -23.96
C CYS A 157 15.12 -8.36 -25.46
N GLY A 158 14.87 -7.14 -25.94
CA GLY A 158 14.94 -6.86 -27.35
C GLY A 158 15.52 -5.51 -27.69
N ALA A 159 15.94 -5.36 -28.94
CA ALA A 159 16.41 -4.09 -29.47
C ALA A 159 17.63 -3.46 -28.81
N GLY A 160 18.65 -4.25 -28.56
CA GLY A 160 19.97 -3.69 -28.32
C GLY A 160 20.30 -3.00 -29.64
N PHE A 161 20.94 -1.84 -29.57
CA PHE A 161 21.17 -1.01 -30.75
C PHE A 161 22.60 -1.12 -31.27
N PRO A 162 22.75 -1.28 -32.59
CA PRO A 162 21.61 -1.24 -33.51
C PRO A 162 21.26 -2.63 -34.03
N LEU A 163 19.99 -3.01 -33.94
CA LEU A 163 19.55 -4.35 -34.30
C LEU A 163 19.61 -4.67 -35.80
N ASN A 164 20.02 -5.89 -36.09
CA ASN A 164 19.93 -6.49 -37.42
C ASN A 164 19.05 -7.73 -37.31
N GLN A 165 18.07 -7.86 -38.21
CA GLN A 165 17.08 -8.92 -38.04
C GLN A 165 17.64 -10.34 -38.09
N SER A 166 18.53 -10.60 -39.04
CA SER A 166 19.19 -11.89 -39.13
C SER A 166 20.05 -12.12 -37.89
N GLU A 167 20.71 -11.05 -37.48
CA GLU A 167 21.64 -11.05 -36.35
C GLU A 167 20.90 -11.39 -35.06
N VAL A 168 19.66 -10.91 -34.95
CA VAL A 168 18.87 -11.18 -33.77
C VAL A 168 18.70 -12.69 -33.69
N LEU A 169 18.53 -13.33 -34.84
CA LEU A 169 18.48 -14.78 -34.91
C LEU A 169 19.82 -15.33 -34.43
N ALA A 170 20.89 -14.67 -34.85
CA ALA A 170 22.23 -14.98 -34.36
C ALA A 170 22.53 -14.84 -32.87
N SER A 171 22.12 -13.72 -32.29
CA SER A 171 22.36 -13.50 -30.86
C SER A 171 21.03 -13.38 -30.09
N VAL A 172 20.99 -13.92 -28.88
CA VAL A 172 19.76 -14.07 -28.13
C VAL A 172 19.05 -12.82 -27.60
N GLY A 173 17.73 -12.93 -27.47
CA GLY A 173 16.90 -11.88 -26.92
C GLY A 173 15.84 -12.36 -25.96
N GLY A 174 15.96 -13.53 -25.36
CA GLY A 174 15.15 -13.83 -24.20
C GLY A 174 15.07 -15.23 -23.62
N SER A 175 14.24 -15.36 -22.59
CA SER A 175 14.12 -16.63 -21.90
C SER A 175 12.66 -17.05 -21.60
N MET A 176 12.31 -18.29 -21.91
CA MET A 176 11.04 -18.85 -21.43
C MET A 176 11.39 -19.98 -20.48
N ILE A 177 11.12 -19.77 -19.19
CA ILE A 177 11.41 -20.78 -18.20
C ILE A 177 10.14 -21.57 -18.04
N ILE A 178 10.23 -22.85 -18.43
CA ILE A 178 9.11 -23.74 -18.46
C ILE A 178 9.06 -24.45 -17.14
N GLY A 179 8.01 -24.20 -16.37
CA GLY A 179 7.74 -24.98 -15.18
C GLY A 179 8.42 -24.43 -13.95
N GLY A 180 8.91 -23.22 -14.01
CA GLY A 180 9.40 -22.61 -12.81
C GLY A 180 9.73 -21.16 -13.00
N ILE A 181 10.41 -20.64 -11.99
CA ILE A 181 10.98 -19.33 -11.99
C ILE A 181 12.47 -19.45 -11.72
N ASP A 182 13.22 -18.67 -12.46
CA ASP A 182 14.64 -18.65 -12.27
C ASP A 182 14.94 -17.34 -11.57
N HIS A 183 15.29 -17.41 -10.29
CA HIS A 183 15.48 -16.17 -9.51
C HIS A 183 16.62 -15.24 -9.94
N SER A 184 17.46 -15.73 -10.84
CA SER A 184 18.57 -14.94 -11.26
C SER A 184 18.27 -14.08 -12.46
N LEU A 185 17.05 -14.08 -12.95
CA LEU A 185 16.69 -13.28 -14.14
C LEU A 185 15.90 -12.03 -13.77
N TYR A 186 15.70 -11.81 -12.48
CA TYR A 186 15.10 -10.55 -12.06
C TYR A 186 15.72 -10.02 -10.77
N THR A 187 15.50 -8.74 -10.53
CA THR A 187 15.83 -8.14 -9.24
C THR A 187 14.57 -7.71 -8.57
N GLY A 188 14.67 -7.50 -7.26
CA GLY A 188 13.53 -7.11 -6.44
C GLY A 188 12.46 -8.15 -6.11
N SER A 189 11.32 -7.64 -5.68
CA SER A 189 10.17 -8.47 -5.43
C SER A 189 9.27 -8.70 -6.66
N LEU A 190 8.79 -9.95 -6.79
CA LEU A 190 7.71 -10.30 -7.70
C LEU A 190 6.44 -9.72 -7.13
N TRP A 191 5.68 -8.99 -7.95
CA TRP A 191 4.34 -8.55 -7.60
C TRP A 191 3.32 -9.25 -8.48
N TYR A 192 2.23 -9.70 -7.87
CA TYR A 192 1.28 -10.54 -8.55
C TYR A 192 -0.09 -9.92 -8.66
N THR A 193 -0.67 -10.03 -9.83
CA THR A 193 -2.04 -9.60 -10.04
C THR A 193 -2.82 -10.86 -10.38
N PRO A 194 -4.11 -10.99 -9.96
CA PRO A 194 -4.88 -12.20 -10.29
C PRO A 194 -5.17 -12.31 -11.76
N ILE A 195 -5.19 -13.55 -12.26
CA ILE A 195 -5.72 -13.84 -13.58
C ILE A 195 -7.24 -13.85 -13.36
N ARG A 196 -7.94 -12.89 -13.97
CA ARG A 196 -9.36 -12.71 -13.67
C ARG A 196 -10.24 -13.85 -14.16
N ARG A 197 -9.96 -14.38 -15.32
CA ARG A 197 -10.61 -15.59 -15.81
C ARG A 197 -9.65 -16.27 -16.76
N GLU A 198 -9.68 -17.59 -16.81
CA GLU A 198 -8.74 -18.33 -17.60
C GLU A 198 -8.95 -18.61 -19.08
N TRP A 199 -8.96 -17.54 -19.88
CA TRP A 199 -8.99 -17.66 -21.33
C TRP A 199 -7.77 -17.03 -22.05
N TYR A 200 -7.80 -15.72 -22.25
CA TYR A 200 -6.60 -14.91 -22.39
C TYR A 200 -6.08 -14.61 -20.97
N TYR A 201 -4.79 -14.34 -20.82
CA TYR A 201 -4.22 -14.01 -19.51
C TYR A 201 -4.73 -12.62 -19.12
N GLU A 202 -5.93 -12.59 -18.54
CA GLU A 202 -6.70 -11.37 -18.37
C GLU A 202 -6.43 -10.76 -17.01
N VAL A 203 -6.10 -9.49 -17.04
CA VAL A 203 -5.84 -8.78 -15.81
C VAL A 203 -6.75 -7.55 -15.74
N ILE A 204 -6.72 -6.96 -14.55
CA ILE A 204 -7.41 -5.73 -14.29
C ILE A 204 -6.43 -4.60 -13.95
N ILE A 205 -6.42 -3.57 -14.79
CA ILE A 205 -5.75 -2.30 -14.54
C ILE A 205 -6.68 -1.33 -13.77
N VAL A 206 -6.17 -0.70 -12.74
CA VAL A 206 -7.01 0.07 -11.83
C VAL A 206 -6.61 1.54 -11.72
N ARG A 207 -5.50 1.90 -12.34
CA ARG A 207 -5.10 3.27 -12.40
C ARG A 207 -4.14 3.38 -13.56
N VAL A 208 -3.99 4.60 -14.07
CA VAL A 208 -2.89 4.86 -14.98
C VAL A 208 -2.36 6.26 -14.72
N GLU A 209 -1.07 6.35 -14.42
CA GLU A 209 -0.42 7.63 -14.24
C GLU A 209 0.58 7.85 -15.36
N ILE A 210 0.67 9.11 -15.79
CA ILE A 210 1.64 9.51 -16.79
C ILE A 210 2.53 10.63 -16.24
N ASN A 211 3.82 10.34 -16.10
CA ASN A 211 4.72 11.26 -15.41
C ASN A 211 4.21 11.66 -14.05
N GLY A 212 3.52 10.74 -13.39
CA GLY A 212 2.93 10.97 -12.08
C GLY A 212 1.54 11.59 -11.97
N GLN A 213 0.90 11.93 -13.09
CA GLN A 213 -0.43 12.54 -13.03
C GLN A 213 -1.45 11.51 -13.51
N ASP A 214 -2.46 11.31 -12.68
CA ASP A 214 -3.50 10.33 -12.95
C ASP A 214 -4.34 10.83 -14.13
N LEU A 215 -4.59 9.96 -15.09
CA LEU A 215 -5.51 10.25 -16.19
C LEU A 215 -6.95 10.46 -15.76
N LYS A 216 -7.28 10.12 -14.51
CA LYS A 216 -8.57 10.52 -13.96
C LYS A 216 -9.72 9.94 -14.78
N MET A 217 -9.59 8.74 -15.33
CA MET A 217 -10.70 8.11 -16.06
C MET A 217 -11.37 7.08 -15.16
N ASP A 218 -12.61 6.68 -15.51
CA ASP A 218 -13.28 5.55 -14.86
C ASP A 218 -12.47 4.32 -15.23
N CYS A 219 -12.05 3.56 -14.21
CA CYS A 219 -11.11 2.51 -14.44
C CYS A 219 -11.73 1.43 -15.32
N LYS A 220 -13.05 1.36 -15.45
CA LYS A 220 -13.59 0.39 -16.42
C LYS A 220 -13.05 0.67 -17.81
N GLU A 221 -12.79 1.93 -18.09
CA GLU A 221 -12.30 2.31 -19.40
C GLU A 221 -10.96 1.67 -19.70
N TYR A 222 -10.16 1.49 -18.66
CA TYR A 222 -8.85 0.85 -18.79
C TYR A 222 -8.97 -0.62 -19.23
N ASN A 223 -10.06 -1.27 -18.88
CA ASN A 223 -10.25 -2.68 -19.21
C ASN A 223 -11.42 -2.94 -20.15
N TYR A 224 -11.62 -2.05 -21.11
CA TYR A 224 -12.78 -2.10 -21.99
C TYR A 224 -12.35 -2.61 -23.35
N ASP A 225 -12.62 -3.88 -23.66
CA ASP A 225 -13.48 -4.79 -22.88
C ASP A 225 -12.77 -5.86 -22.08
N LYS A 226 -11.44 -5.87 -22.12
CA LYS A 226 -10.63 -6.74 -21.30
C LYS A 226 -9.23 -6.17 -21.33
N SER A 227 -8.41 -6.49 -20.35
CA SER A 227 -6.99 -6.24 -20.46
C SER A 227 -6.33 -7.59 -20.42
N ILE A 228 -5.31 -7.77 -21.26
CA ILE A 228 -4.57 -9.01 -21.29
C ILE A 228 -3.10 -8.77 -21.48
N VAL A 229 -2.34 -9.83 -21.25
CA VAL A 229 -0.89 -9.81 -21.40
C VAL A 229 -0.51 -10.70 -22.58
N ASP A 230 0.18 -10.15 -23.57
CA ASP A 230 0.32 -10.86 -24.81
C ASP A 230 1.66 -10.73 -25.51
N SER A 231 2.53 -11.71 -25.27
CA SER A 231 3.82 -11.78 -25.94
C SER A 231 3.75 -11.79 -27.47
N GLY A 232 2.60 -12.20 -28.01
CA GLY A 232 2.41 -12.26 -29.45
C GLY A 232 2.03 -10.95 -30.13
N THR A 233 2.00 -9.85 -29.39
CA THR A 233 1.60 -8.57 -29.94
C THR A 233 2.65 -7.57 -29.62
N THR A 234 2.95 -6.73 -30.57
CA THR A 234 4.09 -5.91 -30.42
C THR A 234 3.82 -4.77 -29.48
N ASN A 235 2.74 -4.04 -29.72
CA ASN A 235 2.55 -2.75 -29.06
C ASN A 235 1.86 -2.84 -27.73
N LEU A 236 1.84 -1.69 -27.07
CA LEU A 236 0.86 -1.44 -26.01
C LEU A 236 -0.40 -0.96 -26.73
N ARG A 237 -1.51 -1.67 -26.58
CA ARG A 237 -2.71 -1.32 -27.27
C ARG A 237 -3.74 -0.94 -26.24
N LEU A 238 -4.43 0.18 -26.49
CA LEU A 238 -5.31 0.83 -25.53
C LEU A 238 -6.66 1.06 -26.15
N PRO A 239 -7.73 0.92 -25.37
CA PRO A 239 -9.05 1.29 -25.86
C PRO A 239 -9.20 2.72 -26.38
N LYS A 240 -10.16 2.98 -27.25
CA LYS A 240 -10.13 4.22 -28.03
C LYS A 240 -10.08 5.50 -27.19
N LYS A 241 -10.82 5.55 -26.09
CA LYS A 241 -10.70 6.66 -25.13
C LYS A 241 -9.44 6.81 -24.34
N VAL A 242 -8.91 5.68 -23.88
CA VAL A 242 -7.70 5.70 -23.07
C VAL A 242 -6.52 6.12 -23.93
N PHE A 243 -6.44 5.50 -25.07
CA PHE A 243 -5.44 5.81 -26.04
C PHE A 243 -5.37 7.28 -26.41
N GLU A 244 -6.54 7.87 -26.69
CA GLU A 244 -6.62 9.33 -26.93
C GLU A 244 -6.08 10.11 -25.76
N ALA A 245 -6.47 9.76 -24.54
CA ALA A 245 -5.88 10.46 -23.40
C ALA A 245 -4.34 10.30 -23.29
N ALA A 246 -3.82 9.09 -23.45
CA ALA A 246 -2.39 8.92 -23.35
C ALA A 246 -1.69 9.80 -24.36
N VAL A 247 -2.05 9.60 -25.62
CA VAL A 247 -1.46 10.40 -26.69
C VAL A 247 -1.54 11.92 -26.42
N LYS A 248 -2.71 12.40 -26.05
CA LYS A 248 -2.82 13.82 -25.76
C LYS A 248 -1.73 14.20 -24.77
N SER A 249 -1.56 13.34 -23.76
CA SER A 249 -0.68 13.57 -22.63
C SER A 249 0.78 13.49 -23.01
N ILE A 250 1.11 12.48 -23.81
CA ILE A 250 2.45 12.29 -24.34
C ILE A 250 2.89 13.37 -25.32
N LYS A 251 1.96 13.79 -26.19
CA LYS A 251 2.21 14.88 -27.14
C LYS A 251 2.51 16.18 -26.44
N ALA A 252 1.79 16.41 -25.34
CA ALA A 252 1.96 17.62 -24.57
C ALA A 252 3.34 17.62 -23.89
N ALA A 253 3.68 16.50 -23.26
CA ALA A 253 5.00 16.33 -22.63
C ALA A 253 6.16 16.54 -23.61
N SER A 254 5.96 16.18 -24.88
CA SER A 254 7.02 16.28 -25.88
C SER A 254 6.80 17.39 -26.93
N SER A 255 5.89 18.34 -26.64
CA SER A 255 5.49 19.39 -27.59
C SER A 255 6.60 20.30 -28.14
N THR A 256 7.71 20.37 -27.42
CA THR A 256 8.79 21.21 -27.89
C THR A 256 9.24 20.73 -29.26
N GLU A 257 9.05 19.45 -29.54
CA GLU A 257 9.63 18.85 -30.72
C GLU A 257 8.53 18.64 -31.72
N LYS A 258 8.93 18.41 -32.97
CA LYS A 258 8.03 18.36 -34.12
C LYS A 258 7.90 16.93 -34.63
N PHE A 259 6.65 16.46 -34.73
CA PHE A 259 6.32 15.10 -35.17
C PHE A 259 5.14 15.14 -36.12
N PRO A 260 5.17 14.32 -37.21
CA PRO A 260 3.88 14.11 -37.91
C PRO A 260 2.78 13.47 -37.02
N ASP A 261 1.50 13.84 -37.18
CA ASP A 261 0.35 13.15 -36.50
C ASP A 261 0.24 11.68 -36.88
N GLY A 262 0.75 11.33 -38.06
CA GLY A 262 0.79 9.94 -38.55
C GLY A 262 1.90 9.11 -37.92
N PHE A 263 2.89 9.78 -37.37
CA PHE A 263 3.78 9.10 -36.43
C PHE A 263 2.97 8.61 -35.22
N TRP A 264 2.14 9.50 -34.66
CA TRP A 264 1.35 9.15 -33.48
C TRP A 264 0.31 8.11 -33.77
N LEU A 265 0.06 7.85 -35.04
CA LEU A 265 -0.75 6.69 -35.43
C LEU A 265 0.07 5.41 -35.62
N GLY A 266 1.36 5.45 -35.32
CA GLY A 266 2.20 4.27 -35.35
C GLY A 266 2.59 3.79 -36.74
N GLU A 267 2.38 4.61 -37.76
CA GLU A 267 2.72 4.26 -39.13
C GLU A 267 4.04 4.87 -39.58
N GLN A 268 4.17 6.19 -39.42
CA GLN A 268 5.41 6.89 -39.73
C GLN A 268 6.48 6.73 -38.64
N LEU A 269 7.73 6.96 -39.03
CA LEU A 269 8.90 6.92 -38.17
C LEU A 269 9.30 8.30 -37.65
N VAL A 270 10.25 8.34 -36.72
CA VAL A 270 10.99 9.58 -36.42
C VAL A 270 12.42 9.27 -36.06
N CYS A 271 13.25 10.30 -36.25
CA CYS A 271 14.68 10.12 -36.37
C CYS A 271 15.45 11.27 -35.78
N TRP A 272 16.60 10.93 -35.24
CA TRP A 272 17.46 11.90 -34.65
C TRP A 272 18.84 11.42 -34.96
N GLN A 273 19.80 12.33 -34.94
CA GLN A 273 21.16 11.90 -35.15
C GLN A 273 21.50 10.86 -34.09
N ALA A 274 22.46 9.98 -34.38
CA ALA A 274 22.88 8.97 -33.40
C ALA A 274 23.08 9.60 -32.03
N GLY A 275 22.74 8.86 -30.98
CA GLY A 275 22.89 9.29 -29.58
C GLY A 275 22.34 10.64 -29.17
N THR A 276 21.38 11.19 -29.92
CA THR A 276 20.79 12.50 -29.55
C THR A 276 19.28 12.41 -29.27
N THR A 277 18.74 11.19 -29.33
CA THR A 277 17.34 10.96 -29.00
C THR A 277 17.02 11.65 -27.68
N PRO A 278 16.02 12.56 -27.68
CA PRO A 278 15.73 13.35 -26.48
C PRO A 278 14.79 12.57 -25.56
N TRP A 279 15.34 11.53 -24.96
CA TRP A 279 14.60 10.65 -24.08
C TRP A 279 13.86 11.38 -22.97
N ASN A 280 14.52 12.35 -22.35
CA ASN A 280 13.96 13.13 -21.24
C ASN A 280 12.61 13.80 -21.50
N ILE A 281 12.28 14.09 -22.75
CA ILE A 281 11.04 14.81 -23.00
C ILE A 281 9.85 13.86 -23.15
N PHE A 282 10.12 12.56 -23.04
CA PHE A 282 9.09 11.55 -23.13
C PHE A 282 8.78 10.98 -21.74
N PRO A 283 7.49 10.93 -21.40
CA PRO A 283 7.06 10.61 -20.06
C PRO A 283 7.11 9.13 -19.77
N VAL A 284 7.28 8.80 -18.51
CA VAL A 284 7.02 7.43 -18.06
C VAL A 284 5.54 7.19 -17.80
N ILE A 285 5.12 5.96 -18.04
CA ILE A 285 3.75 5.52 -17.86
C ILE A 285 3.67 4.50 -16.77
N SER A 286 2.70 4.67 -15.88
CA SER A 286 2.53 3.75 -14.79
C SER A 286 1.20 3.03 -14.91
N LEU A 287 1.25 1.71 -15.06
CA LEU A 287 0.06 0.92 -15.01
C LEU A 287 0.04 0.33 -13.64
N TYR A 288 -1.02 0.64 -12.89
CA TYR A 288 -1.31 0.04 -11.59
C TYR A 288 -2.22 -1.19 -11.78
N LEU A 289 -1.76 -2.36 -11.35
CA LEU A 289 -2.51 -3.59 -11.42
C LEU A 289 -3.11 -4.01 -10.06
N MET A 290 -4.28 -4.67 -10.13
CA MET A 290 -4.89 -5.32 -8.99
C MET A 290 -3.95 -6.32 -8.29
N GLY A 291 -3.95 -6.29 -6.96
CA GLY A 291 -3.03 -7.05 -6.17
C GLY A 291 -3.67 -8.31 -5.70
N GLU A 292 -3.02 -8.96 -4.74
CA GLU A 292 -3.45 -10.27 -4.25
C GLU A 292 -4.26 -10.13 -2.97
N VAL A 293 -4.38 -8.91 -2.48
CA VAL A 293 -4.92 -8.66 -1.16
C VAL A 293 -5.96 -7.53 -1.29
N THR A 294 -6.86 -7.44 -0.36
CA THR A 294 -7.96 -6.53 -0.45
C THR A 294 -7.45 -5.11 -0.51
N ASN A 295 -7.97 -4.36 -1.45
CA ASN A 295 -7.74 -2.92 -1.56
C ASN A 295 -6.30 -2.58 -1.84
N GLN A 296 -5.64 -3.47 -2.57
CA GLN A 296 -4.21 -3.35 -2.73
C GLN A 296 -3.81 -3.63 -4.14
N SER A 297 -3.03 -2.70 -4.67
CA SER A 297 -2.50 -2.74 -6.01
C SER A 297 -0.98 -2.58 -5.95
N PHE A 298 -0.36 -2.75 -7.11
CA PHE A 298 1.01 -2.40 -7.29
C PHE A 298 1.15 -1.75 -8.67
N ARG A 299 2.24 -1.04 -8.91
CA ARG A 299 2.41 -0.45 -10.24
C ARG A 299 3.64 -0.95 -10.97
N ILE A 300 3.54 -0.95 -12.29
CA ILE A 300 4.68 -1.17 -13.16
C ILE A 300 4.88 0.08 -13.95
N THR A 301 6.12 0.49 -14.07
CA THR A 301 6.40 1.74 -14.73
C THR A 301 7.26 1.52 -15.95
N ILE A 302 6.84 2.18 -17.02
CA ILE A 302 7.32 1.95 -18.36
C ILE A 302 8.00 3.21 -18.86
N LEU A 303 9.23 3.05 -19.34
CA LEU A 303 9.96 4.18 -19.95
C LEU A 303 9.63 4.36 -21.44
N PRO A 304 9.92 5.55 -21.97
CA PRO A 304 9.79 5.74 -23.41
C PRO A 304 10.66 4.82 -24.22
N GLN A 305 11.73 4.31 -23.65
CA GLN A 305 12.56 3.40 -24.40
C GLN A 305 11.84 2.12 -24.70
N GLN A 306 10.74 1.85 -24.04
CA GLN A 306 9.97 0.67 -24.42
C GLN A 306 8.88 1.05 -25.43
N TYR A 307 8.24 2.20 -25.26
CA TYR A 307 7.15 2.55 -26.18
C TYR A 307 7.60 3.30 -27.46
N LEU A 308 8.90 3.56 -27.57
CA LEU A 308 9.49 4.03 -28.83
C LEU A 308 10.38 2.93 -29.36
N ARG A 309 9.86 2.16 -30.30
CA ARG A 309 10.57 0.99 -30.75
C ARG A 309 11.53 1.35 -31.86
N PRO A 310 12.78 0.88 -31.73
CA PRO A 310 13.78 1.13 -32.77
C PRO A 310 13.57 0.29 -34.05
N VAL A 311 13.72 0.94 -35.20
CA VAL A 311 13.59 0.31 -36.51
C VAL A 311 14.65 0.84 -37.46
N GLU A 312 15.08 0.02 -38.43
CA GLU A 312 16.06 0.44 -39.45
C GLU A 312 15.52 1.51 -40.44
N ASP A 313 16.31 2.53 -40.75
CA ASP A 313 15.79 3.73 -41.42
C ASP A 313 15.64 3.48 -42.90
N VAL A 314 14.54 3.99 -43.49
CA VAL A 314 14.25 3.84 -44.92
C VAL A 314 15.22 4.51 -45.93
N ALA A 315 15.59 5.74 -45.64
CA ALA A 315 16.77 6.32 -46.26
C ALA A 315 17.85 5.98 -45.25
N THR A 316 18.68 5.01 -45.60
CA THR A 316 19.66 4.47 -44.63
C THR A 316 20.84 5.41 -44.30
N SER A 317 20.91 5.79 -43.02
CA SER A 317 21.93 6.69 -42.47
C SER A 317 22.38 6.07 -41.13
N GLN A 318 23.23 6.81 -40.44
CA GLN A 318 23.49 6.62 -39.03
C GLN A 318 22.55 7.48 -38.19
N ASP A 319 21.25 7.25 -38.34
CA ASP A 319 20.24 7.87 -37.51
C ASP A 319 19.70 6.83 -36.51
N ASP A 320 19.13 7.33 -35.41
CA ASP A 320 18.29 6.52 -34.55
C ASP A 320 16.83 6.86 -34.88
N CYS A 321 16.10 5.86 -35.38
CA CYS A 321 14.71 6.04 -35.80
C CYS A 321 13.77 5.11 -35.03
N TYR A 322 12.51 5.51 -34.91
CA TYR A 322 11.60 4.88 -33.99
C TYR A 322 10.15 4.94 -34.44
N LYS A 323 9.48 3.80 -34.40
CA LYS A 323 8.04 3.76 -34.64
C LYS A 323 7.37 3.86 -33.24
N PHE A 324 6.26 4.58 -33.16
CA PHE A 324 5.55 4.78 -31.89
C PHE A 324 4.72 3.51 -31.65
N ALA A 325 4.87 2.95 -30.45
CA ALA A 325 4.44 1.58 -30.17
C ALA A 325 3.25 1.49 -29.24
N ILE A 326 2.48 2.58 -29.18
CA ILE A 326 1.17 2.56 -28.55
C ILE A 326 0.13 2.85 -29.64
N SER A 327 -0.81 1.93 -29.81
CA SER A 327 -1.80 2.06 -30.84
C SER A 327 -3.20 1.85 -30.29
N GLN A 328 -4.16 2.38 -31.02
CA GLN A 328 -5.52 2.22 -30.66
C GLN A 328 -5.95 0.78 -30.81
N SER A 329 -6.76 0.35 -29.86
CA SER A 329 -7.39 -0.93 -29.90
C SER A 329 -8.85 -0.73 -29.65
N SER A 330 -9.62 -1.68 -30.11
CA SER A 330 -11.06 -1.70 -29.97
C SER A 330 -11.49 -3.07 -29.38
N THR A 331 -10.48 -3.85 -28.99
CA THR A 331 -10.65 -5.22 -28.56
C THR A 331 -10.11 -5.34 -27.11
N GLY A 332 -9.93 -4.20 -26.43
CA GLY A 332 -9.41 -4.14 -25.06
C GLY A 332 -7.96 -3.68 -24.98
N THR A 333 -7.43 -3.59 -23.78
CA THR A 333 -6.02 -3.29 -23.56
C THR A 333 -5.15 -4.50 -23.84
N VAL A 334 -4.03 -4.29 -24.51
CA VAL A 334 -3.09 -5.36 -24.73
C VAL A 334 -1.72 -4.91 -24.31
N MET A 335 -1.20 -5.62 -23.29
CA MET A 335 0.13 -5.36 -22.77
C MET A 335 1.07 -6.24 -23.54
N GLY A 336 1.64 -5.68 -24.59
CA GLY A 336 2.37 -6.50 -25.55
C GLY A 336 3.85 -6.65 -25.21
N ALA A 337 4.61 -7.23 -26.13
CA ALA A 337 6.05 -7.35 -25.98
C ALA A 337 6.75 -6.09 -25.52
N VAL A 338 6.38 -4.93 -26.02
CA VAL A 338 7.22 -3.78 -25.73
C VAL A 338 7.16 -3.44 -24.25
N ILE A 339 6.03 -3.77 -23.63
CA ILE A 339 5.80 -3.56 -22.19
C ILE A 339 6.42 -4.69 -21.41
N MET A 340 6.37 -5.89 -21.95
CA MET A 340 6.95 -7.05 -21.30
C MET A 340 8.47 -7.06 -21.23
N GLU A 341 9.11 -6.45 -22.23
CA GLU A 341 10.57 -6.32 -22.31
C GLU A 341 11.25 -5.71 -21.06
N GLY A 342 10.66 -4.69 -20.45
CA GLY A 342 11.16 -4.28 -19.11
C GLY A 342 11.22 -5.33 -17.98
N PHE A 343 10.55 -6.47 -18.14
CA PHE A 343 10.20 -7.27 -16.97
C PHE A 343 10.30 -8.77 -17.11
N TYR A 344 10.47 -9.40 -15.96
CA TYR A 344 10.32 -10.82 -15.80
C TYR A 344 8.89 -11.10 -15.43
N VAL A 345 8.19 -11.87 -16.25
CA VAL A 345 6.77 -12.07 -16.11
C VAL A 345 6.41 -13.56 -15.84
N VAL A 346 5.78 -13.80 -14.71
CA VAL A 346 5.46 -15.16 -14.31
C VAL A 346 3.98 -15.43 -14.62
N PHE A 347 3.75 -16.41 -15.50
CA PHE A 347 2.43 -16.92 -15.78
C PHE A 347 2.14 -18.07 -14.81
N ASP A 348 1.72 -17.72 -13.58
CA ASP A 348 1.48 -18.69 -12.51
C ASP A 348 0.07 -19.27 -12.64
N ARG A 349 -0.06 -20.09 -13.67
CA ARG A 349 -1.27 -20.87 -13.97
C ARG A 349 -1.78 -21.65 -12.75
N ALA A 350 -0.89 -22.25 -11.99
CA ALA A 350 -1.26 -23.04 -10.81
C ALA A 350 -1.98 -22.23 -9.74
N ARG A 351 -1.72 -20.94 -9.68
CA ARG A 351 -2.31 -20.13 -8.60
C ARG A 351 -3.06 -18.99 -9.26
N LYS A 352 -3.44 -19.24 -10.52
CA LYS A 352 -4.21 -18.33 -11.35
C LYS A 352 -3.75 -16.87 -11.17
N ARG A 353 -2.46 -16.64 -11.42
CA ARG A 353 -1.93 -15.28 -11.26
C ARG A 353 -0.75 -15.03 -12.18
N ILE A 354 -0.41 -13.75 -12.28
CA ILE A 354 0.64 -13.26 -13.13
C ILE A 354 1.51 -12.37 -12.29
N GLY A 355 2.81 -12.68 -12.30
CA GLY A 355 3.82 -11.95 -11.51
C GLY A 355 4.70 -11.06 -12.35
N PHE A 356 5.03 -9.88 -11.84
CA PHE A 356 5.94 -8.96 -12.51
C PHE A 356 7.11 -8.58 -11.61
N ALA A 357 8.27 -8.44 -12.25
CA ALA A 357 9.51 -8.04 -11.58
C ALA A 357 10.40 -7.35 -12.59
N VAL A 358 11.21 -6.44 -12.10
CA VAL A 358 12.19 -5.77 -12.95
C VAL A 358 13.12 -6.80 -13.56
N SER A 359 13.29 -6.73 -14.87
CA SER A 359 14.15 -7.68 -15.55
C SER A 359 15.61 -7.36 -15.25
N ALA A 360 16.40 -8.43 -15.21
CA ALA A 360 17.85 -8.33 -15.24
C ALA A 360 18.28 -7.64 -16.54
N CYS A 361 17.57 -7.90 -17.62
CA CYS A 361 17.81 -7.15 -18.86
C CYS A 361 16.74 -6.07 -18.99
N HIS A 362 17.18 -4.81 -18.90
CA HIS A 362 16.29 -3.67 -19.07
C HIS A 362 17.00 -2.48 -19.71
N VAL A 363 16.22 -1.66 -20.42
CA VAL A 363 16.75 -0.46 -21.05
C VAL A 363 17.20 0.50 -19.96
N HIS A 364 18.30 1.20 -20.19
CA HIS A 364 18.85 2.08 -19.17
C HIS A 364 18.67 3.56 -19.52
N ASP A 365 18.05 4.28 -18.60
CA ASP A 365 17.94 5.73 -18.70
C ASP A 365 18.87 6.34 -17.69
N GLU A 366 19.56 7.42 -18.07
CA GLU A 366 20.66 7.92 -17.27
C GLU A 366 20.09 8.31 -15.91
N PHE A 367 18.89 8.90 -15.92
CA PHE A 367 18.25 9.39 -14.69
C PHE A 367 16.92 8.73 -14.25
N ARG A 368 16.37 7.86 -15.09
CA ARG A 368 15.11 7.20 -14.79
C ARG A 368 15.21 5.68 -14.97
N THR A 369 14.71 4.94 -13.98
CA THR A 369 14.65 3.49 -14.06
C THR A 369 13.23 2.96 -13.87
N ALA A 370 12.78 2.11 -14.79
CA ALA A 370 11.46 1.50 -14.66
C ALA A 370 11.44 0.57 -13.45
N ALA A 371 10.34 0.58 -12.71
CA ALA A 371 10.25 -0.23 -11.50
C ALA A 371 8.89 -0.89 -11.27
N VAL A 372 8.90 -2.03 -10.61
CA VAL A 372 7.71 -2.69 -10.09
C VAL A 372 7.64 -2.46 -8.61
N GLU A 373 6.63 -1.71 -8.19
CA GLU A 373 6.62 -1.14 -6.89
C GLU A 373 5.27 -1.29 -6.23
N GLY A 374 5.28 -1.70 -4.97
CA GLY A 374 4.07 -1.72 -4.14
C GLY A 374 4.41 -1.76 -2.67
N PRO A 375 3.40 -1.81 -1.81
CA PRO A 375 2.01 -1.86 -2.14
C PRO A 375 1.37 -0.48 -2.23
N PHE A 376 0.36 -0.35 -3.09
CA PHE A 376 -0.53 0.81 -3.13
C PHE A 376 -1.89 0.40 -2.62
N VAL A 377 -2.57 1.34 -1.96
CA VAL A 377 -3.95 1.18 -1.57
C VAL A 377 -4.84 1.70 -2.71
N THR A 378 -5.95 1.02 -2.96
CA THR A 378 -6.84 1.34 -4.09
C THR A 378 -8.23 0.79 -3.84
N LEU A 379 -9.19 1.66 -3.57
CA LEU A 379 -10.54 1.20 -3.22
C LEU A 379 -11.39 0.79 -4.43
N ASP A 380 -12.29 -0.17 -4.25
CA ASP A 380 -13.24 -0.62 -5.27
C ASP A 380 -12.54 -1.04 -6.56
N MET A 381 -11.56 -1.92 -6.46
CA MET A 381 -10.87 -2.44 -7.66
C MET A 381 -11.77 -3.35 -8.52
N GLU A 382 -12.75 -4.02 -7.91
CA GLU A 382 -13.68 -4.92 -8.63
C GLU A 382 -14.50 -4.13 -9.64
N ASP A 383 -14.74 -2.86 -9.35
CA ASP A 383 -15.55 -2.07 -10.25
C ASP A 383 -14.85 -2.10 -11.60
N CYS A 384 -13.52 -2.09 -11.58
CA CYS A 384 -12.71 -1.81 -12.77
C CYS A 384 -12.89 -2.84 -13.84
N GLY A 385 -13.24 -4.06 -13.45
CA GLY A 385 -13.50 -5.12 -14.42
C GLY A 385 -14.74 -4.75 -15.21
N TYR A 386 -14.69 -4.95 -16.52
CA TYR A 386 -15.86 -4.69 -17.36
C TYR A 386 -16.74 -5.92 -17.42
N ASN A 387 -18.03 -5.72 -17.68
CA ASN A 387 -18.99 -6.82 -17.79
C ASN A 387 -19.83 -6.86 -19.08
N PHE B 1 -17.55 34.38 7.77
CA PHE B 1 -16.14 34.35 7.17
C PHE B 1 -15.95 35.07 5.84
N VAL B 2 -17.02 35.30 5.09
CA VAL B 2 -16.92 36.03 3.84
C VAL B 2 -16.25 37.39 3.95
N GLU B 3 -16.22 37.98 5.16
CA GLU B 3 -15.52 39.27 5.41
C GLU B 3 -14.01 39.20 5.52
N MET B 4 -13.45 37.99 5.57
CA MET B 4 -11.99 37.81 5.64
C MET B 4 -11.39 37.37 4.32
N VAL B 5 -12.22 37.02 3.36
CA VAL B 5 -11.76 36.69 2.05
C VAL B 5 -10.99 37.87 1.43
N ASP B 6 -9.90 37.57 0.74
CA ASP B 6 -9.11 38.56 0.02
C ASP B 6 -8.43 39.64 0.88
N ASN B 7 -8.36 39.43 2.18
CA ASN B 7 -7.68 40.30 3.13
C ASN B 7 -6.15 40.29 3.20
N LEU B 8 -5.48 39.54 2.35
CA LEU B 8 -4.04 39.63 2.25
C LEU B 8 -3.61 40.28 0.97
N ARG B 9 -2.44 40.91 1.05
CA ARG B 9 -1.75 41.45 -0.11
C ARG B 9 -0.31 40.98 0.00
N GLY B 10 0.48 41.23 -1.02
CA GLY B 10 1.86 40.81 -1.05
C GLY B 10 2.12 39.69 -2.04
N LYS B 11 3.30 39.09 -1.94
CA LYS B 11 3.67 38.01 -2.81
C LYS B 11 4.81 37.21 -2.15
N SER B 12 5.18 36.07 -2.73
CA SER B 12 6.09 35.12 -2.07
C SER B 12 7.50 35.63 -1.79
N GLY B 13 8.02 36.48 -2.67
CA GLY B 13 9.38 36.99 -2.53
C GLY B 13 9.61 37.86 -1.30
N GLN B 14 8.63 38.70 -1.01
CA GLN B 14 8.71 39.72 0.04
C GLN B 14 7.78 39.47 1.22
N GLY B 15 6.65 38.80 0.98
CA GLY B 15 5.75 38.46 2.07
C GLY B 15 4.29 38.75 1.82
N TYR B 16 3.43 37.99 2.47
CA TYR B 16 2.03 38.29 2.45
C TYR B 16 1.72 38.99 3.76
N TYR B 17 0.95 40.06 3.70
CA TYR B 17 0.66 40.79 4.89
C TYR B 17 -0.81 41.02 5.09
N VAL B 18 -1.15 41.31 6.34
CA VAL B 18 -2.50 41.51 6.81
C VAL B 18 -2.56 42.87 7.48
N GLU B 19 -3.70 43.57 7.42
CA GLU B 19 -3.88 44.83 8.12
C GLU B 19 -4.26 44.62 9.60
N MET B 20 -3.62 45.36 10.48
CA MET B 20 -3.90 45.26 11.90
C MET B 20 -3.93 46.66 12.50
N THR B 21 -4.43 46.76 13.73
CA THR B 21 -4.44 48.04 14.42
C THR B 21 -3.97 47.78 15.80
N VAL B 22 -3.13 48.67 16.30
CA VAL B 22 -2.67 48.58 17.69
C VAL B 22 -2.83 49.92 18.43
N GLY B 23 -3.14 49.78 19.73
CA GLY B 23 -3.28 50.90 20.63
C GLY B 23 -4.49 51.79 20.50
N SER B 24 -4.61 52.70 21.45
CA SER B 24 -5.70 53.64 21.45
C SER B 24 -5.26 55.10 21.35
N PRO B 25 -5.75 55.84 20.36
CA PRO B 25 -6.60 55.34 19.26
C PRO B 25 -5.83 54.51 18.23
N PRO B 26 -6.55 53.74 17.43
CA PRO B 26 -5.97 52.68 16.63
C PRO B 26 -5.01 53.19 15.53
N GLN B 27 -3.79 52.69 15.59
CA GLN B 27 -2.79 52.94 14.57
C GLN B 27 -2.75 51.75 13.63
N THR B 28 -2.87 52.04 12.35
CA THR B 28 -3.00 51.03 11.31
C THR B 28 -1.64 50.59 10.79
N LEU B 29 -1.50 49.28 10.51
CA LEU B 29 -0.23 48.68 10.14
C LEU B 29 -0.40 47.41 9.33
N ASN B 30 0.49 47.20 8.38
CA ASN B 30 0.52 45.98 7.61
C ASN B 30 1.49 44.99 8.22
N ILE B 31 1.00 43.84 8.62
CA ILE B 31 1.83 42.88 9.37
C ILE B 31 2.04 41.66 8.53
N LEU B 32 3.30 41.24 8.45
CA LEU B 32 3.66 40.06 7.64
C LEU B 32 3.21 38.83 8.36
N VAL B 33 2.76 37.87 7.57
CA VAL B 33 2.14 36.69 8.09
C VAL B 33 3.14 35.53 8.06
N ASP B 34 3.73 35.28 9.23
CA ASP B 34 4.72 34.24 9.34
C ASP B 34 4.29 33.03 10.20
N THR B 35 4.20 31.83 9.60
CA THR B 35 3.82 30.62 10.39
C THR B 35 5.03 29.87 10.81
N GLY B 36 6.18 30.51 10.56
CA GLY B 36 7.50 30.00 10.95
C GLY B 36 8.14 30.72 12.12
N SER B 37 7.36 31.48 12.87
CA SER B 37 7.84 32.13 14.10
C SER B 37 6.65 32.37 14.98
N SER B 38 6.91 32.80 16.21
CA SER B 38 5.86 32.99 17.20
C SER B 38 5.66 34.43 17.72
N ASN B 39 6.67 35.27 17.59
CA ASN B 39 6.55 36.63 18.09
C ASN B 39 5.72 37.58 17.22
N PHE B 40 4.89 38.40 17.87
CA PHE B 40 4.27 39.57 17.23
C PHE B 40 5.14 40.78 17.51
N ALA B 41 5.58 41.48 16.46
CA ALA B 41 6.40 42.67 16.63
C ALA B 41 6.32 43.61 15.42
N VAL B 42 6.68 44.87 15.66
CA VAL B 42 6.45 45.95 14.72
C VAL B 42 7.51 47.02 14.86
N GLY B 43 7.91 47.59 13.72
CA GLY B 43 8.77 48.77 13.69
C GLY B 43 8.17 49.78 14.62
N ALA B 44 9.00 50.32 15.51
CA ALA B 44 8.57 51.29 16.50
C ALA B 44 9.35 52.59 16.36
N ALA B 45 10.20 52.68 15.35
CA ALA B 45 11.03 53.87 15.13
C ALA B 45 11.15 54.12 13.62
N PRO B 46 11.56 55.33 13.21
CA PRO B 46 11.70 55.51 11.76
C PRO B 46 12.75 54.60 11.20
N HIS B 47 12.61 54.30 9.93
CA HIS B 47 13.58 53.50 9.22
C HIS B 47 13.49 53.99 7.80
N PRO B 48 14.58 53.89 7.06
CA PRO B 48 14.53 54.21 5.65
C PRO B 48 13.44 53.46 4.90
N PHE B 49 13.41 52.14 5.03
CA PHE B 49 12.40 51.26 4.38
C PHE B 49 10.94 51.30 4.89
N LEU B 50 10.67 51.92 6.04
CA LEU B 50 9.30 51.98 6.57
C LEU B 50 8.60 53.29 6.33
N HIS B 51 7.32 53.19 6.04
CA HIS B 51 6.48 54.36 5.81
C HIS B 51 5.86 54.97 7.02
N ARG B 52 5.93 54.25 8.13
CA ARG B 52 5.24 54.51 9.32
C ARG B 52 5.57 53.53 10.37
N TYR B 53 5.13 53.74 11.60
CA TYR B 53 5.43 52.77 12.63
C TYR B 53 4.63 52.96 13.89
N TYR B 54 4.83 52.04 14.82
CA TYR B 54 4.08 52.02 16.06
C TYR B 54 4.60 53.14 16.91
N GLN B 55 3.68 53.95 17.45
CA GLN B 55 4.00 55.06 18.34
C GLN B 55 3.33 54.82 19.68
N ARG B 56 4.11 54.24 20.59
CA ARG B 56 3.68 53.92 21.94
C ARG B 56 3.38 55.17 22.77
N GLN B 57 4.12 56.24 22.45
CA GLN B 57 3.86 57.58 22.95
C GLN B 57 2.35 57.93 22.91
N LEU B 58 1.64 57.49 21.87
CA LEU B 58 0.28 57.95 21.59
C LEU B 58 -0.74 56.86 21.86
N SER B 59 -0.37 55.81 22.55
CA SER B 59 -1.36 54.77 22.88
C SER B 59 -1.90 54.91 24.27
N SER B 60 -3.19 55.24 24.38
CA SER B 60 -3.85 55.29 25.69
C SER B 60 -3.47 54.02 26.49
N THR B 61 -3.58 52.86 25.81
CA THR B 61 -3.52 51.56 26.46
C THR B 61 -2.20 50.81 26.42
N TYR B 62 -1.23 51.33 25.68
CA TYR B 62 0.10 50.71 25.70
C TYR B 62 0.53 50.43 27.13
N ARG B 63 1.21 49.31 27.34
CA ARG B 63 1.80 48.99 28.64
C ARG B 63 3.20 48.37 28.48
N ASP B 64 4.25 49.10 28.90
CA ASP B 64 5.65 48.63 28.93
C ASP B 64 5.72 47.39 29.85
N LEU B 65 6.54 46.42 29.46
CA LEU B 65 6.84 45.26 30.29
C LEU B 65 8.28 45.35 30.77
N ARG B 66 9.00 46.40 30.37
CA ARG B 66 10.36 46.67 30.85
C ARG B 66 11.31 45.51 30.62
N LYS B 67 11.35 44.99 29.40
CA LYS B 67 12.17 43.81 29.09
C LYS B 67 12.60 43.87 27.62
N GLY B 68 13.81 43.39 27.32
CA GLY B 68 14.38 43.42 25.96
C GLY B 68 14.19 42.07 25.29
N VAL B 69 14.22 42.09 23.96
CA VAL B 69 14.13 40.86 23.20
C VAL B 69 14.98 40.94 21.94
N TYR B 70 15.51 39.78 21.56
CA TYR B 70 16.13 39.55 20.25
C TYR B 70 15.38 38.39 19.61
N VAL B 71 15.17 38.48 18.30
CA VAL B 71 14.81 37.32 17.47
C VAL B 71 15.75 37.11 16.28
N PRO B 72 16.20 35.81 16.09
CA PRO B 72 16.90 35.59 14.81
C PRO B 72 16.11 34.69 13.86
N TYR B 73 16.01 35.09 12.59
CA TYR B 73 15.34 34.27 11.60
C TYR B 73 16.44 33.73 10.69
N THR B 74 16.10 32.73 9.90
CA THR B 74 17.07 32.27 8.96
C THR B 74 17.74 33.44 8.18
N GLN B 75 16.97 34.50 7.87
CA GLN B 75 17.44 35.62 7.03
C GLN B 75 17.75 37.03 7.66
N GLY B 76 16.81 37.65 8.38
CA GLY B 76 17.15 38.86 9.18
C GLY B 76 17.02 38.71 10.69
N LYS B 77 17.12 39.81 11.42
CA LYS B 77 16.96 39.76 12.88
C LYS B 77 16.63 41.12 13.40
N TRP B 78 16.07 41.16 14.62
CA TRP B 78 15.78 42.43 15.27
C TRP B 78 15.80 42.36 16.75
N GLU B 79 15.81 43.55 17.35
CA GLU B 79 15.72 43.74 18.79
C GLU B 79 14.62 44.72 19.09
N GLY B 80 13.99 44.56 20.25
CA GLY B 80 12.89 45.41 20.60
C GLY B 80 12.56 45.35 22.07
N GLU B 81 11.57 46.14 22.44
CA GLU B 81 11.17 46.24 23.82
C GLU B 81 9.76 45.70 23.86
N LEU B 82 9.50 44.80 24.80
CA LEU B 82 8.18 44.19 24.95
C LEU B 82 7.18 45.13 25.54
N GLY B 83 5.92 44.81 25.31
CA GLY B 83 4.83 45.62 25.79
C GLY B 83 3.56 44.86 25.59
N THR B 84 2.43 45.45 25.97
CA THR B 84 1.11 44.94 25.59
C THR B 84 0.28 46.10 25.07
N ASP B 85 -0.76 45.79 24.34
CA ASP B 85 -1.68 46.81 23.88
C ASP B 85 -2.88 46.11 23.27
N LEU B 86 -3.85 46.89 22.80
CA LEU B 86 -5.03 46.33 22.16
C LEU B 86 -4.74 46.18 20.67
N VAL B 87 -5.29 45.14 20.07
CA VAL B 87 -5.00 44.80 18.70
C VAL B 87 -6.29 44.34 18.05
N SER B 88 -6.57 44.82 16.85
CA SER B 88 -7.66 44.22 16.04
C SER B 88 -7.20 43.88 14.64
N ILE B 89 -7.99 43.06 13.93
CA ILE B 89 -7.86 42.90 12.49
C ILE B 89 -9.15 43.41 11.83
N PRO B 90 -9.06 44.58 11.21
CA PRO B 90 -10.16 45.16 10.47
C PRO B 90 -10.88 44.16 9.61
N HIS B 91 -10.14 43.54 8.70
CA HIS B 91 -10.58 42.38 7.92
C HIS B 91 -10.23 41.07 8.63
N GLY B 92 -10.86 40.87 9.79
CA GLY B 92 -10.82 39.62 10.53
C GLY B 92 -11.94 39.62 11.53
N PRO B 93 -11.90 38.74 12.52
CA PRO B 93 -13.00 38.73 13.50
C PRO B 93 -13.25 40.12 14.09
N ASN B 94 -14.52 40.45 14.38
CA ASN B 94 -14.80 41.72 15.05
C ASN B 94 -14.64 41.57 16.55
N VAL B 95 -13.38 41.52 16.98
CA VAL B 95 -13.00 41.48 18.39
C VAL B 95 -11.73 42.30 18.58
N THR B 96 -11.37 42.54 19.85
CA THR B 96 -10.16 43.29 20.15
C THR B 96 -9.47 42.75 21.36
N VAL B 97 -8.23 42.33 21.21
CA VAL B 97 -7.56 41.61 22.27
C VAL B 97 -6.31 42.32 22.78
N ARG B 98 -5.88 41.91 23.99
CA ARG B 98 -4.67 42.45 24.59
C ARG B 98 -3.59 41.45 24.26
N ALA B 99 -2.58 41.85 23.51
CA ALA B 99 -1.50 40.91 23.20
C ALA B 99 -0.15 41.49 23.41
N ASN B 100 0.83 40.61 23.55
CA ASN B 100 2.22 41.05 23.59
C ASN B 100 2.66 41.64 22.26
N ILE B 101 3.45 42.72 22.31
CA ILE B 101 4.00 43.40 21.16
C ILE B 101 5.46 43.82 21.42
N ALA B 102 6.34 43.49 20.50
CA ALA B 102 7.71 43.87 20.58
C ALA B 102 7.84 45.12 19.74
N ALA B 103 8.27 46.20 20.35
CA ALA B 103 8.51 47.39 19.59
C ALA B 103 9.94 47.31 19.06
N ILE B 104 10.04 47.02 17.78
CA ILE B 104 11.35 46.90 17.15
C ILE B 104 12.12 48.24 17.10
N THR B 105 13.28 48.29 17.74
CA THR B 105 14.08 49.51 17.78
C THR B 105 15.28 49.41 16.88
N GLU B 106 16.07 48.34 17.04
CA GLU B 106 17.15 48.02 16.11
C GLU B 106 16.76 46.79 15.24
N SER B 107 17.33 46.71 14.04
CA SER B 107 17.09 45.62 13.11
C SER B 107 18.19 45.54 12.05
N ASP B 108 18.37 44.36 11.48
CA ASP B 108 19.36 44.08 10.44
C ASP B 108 18.76 43.05 9.49
N LYS B 109 18.72 43.41 8.21
CA LYS B 109 18.30 42.50 7.12
C LYS B 109 16.89 41.98 7.34
N PHE B 110 16.08 42.70 8.13
CA PHE B 110 14.69 42.26 8.42
C PHE B 110 13.54 42.94 7.64
N PHE B 111 13.48 44.27 7.65
CA PHE B 111 12.65 45.03 6.74
C PHE B 111 13.15 45.05 5.33
N ILE B 112 12.21 45.20 4.40
CA ILE B 112 12.48 45.10 2.97
C ILE B 112 11.89 46.30 2.27
N ASN B 113 12.73 47.07 1.58
CA ASN B 113 12.31 48.24 0.78
C ASN B 113 11.23 47.82 -0.24
N GLY B 114 10.08 48.51 -0.17
CA GLY B 114 9.00 48.29 -1.12
C GLY B 114 7.93 47.28 -0.73
N SER B 115 8.19 46.50 0.31
CA SER B 115 7.35 45.35 0.67
C SER B 115 6.02 45.79 1.24
N ASN B 116 5.99 46.99 1.82
CA ASN B 116 4.76 47.54 2.37
C ASN B 116 4.18 46.99 3.68
N TRP B 117 4.99 46.23 4.42
CA TRP B 117 4.58 45.70 5.71
C TRP B 117 5.57 46.17 6.77
N GLU B 118 5.08 46.58 7.94
CA GLU B 118 5.96 47.20 8.90
C GLU B 118 6.13 46.37 10.15
N GLY B 119 5.56 45.16 10.16
CA GLY B 119 5.69 44.27 11.30
C GLY B 119 5.56 42.82 10.89
N ILE B 120 5.56 41.91 11.87
CA ILE B 120 5.47 40.48 11.63
C ILE B 120 4.53 39.87 12.64
N LEU B 121 3.73 38.91 12.20
CA LEU B 121 2.80 38.19 13.07
C LEU B 121 3.19 36.72 13.05
N GLY B 122 3.87 36.31 14.13
CA GLY B 122 4.27 34.92 14.34
C GLY B 122 3.08 34.06 14.71
N LEU B 123 2.75 33.08 13.86
CA LEU B 123 1.56 32.24 14.08
C LEU B 123 1.87 30.89 14.66
N ALA B 124 3.17 30.70 14.89
CA ALA B 124 3.77 29.53 15.55
C ALA B 124 3.58 29.50 17.06
N TYR B 125 3.84 28.34 17.66
CA TYR B 125 3.48 28.03 19.00
C TYR B 125 4.47 28.66 19.98
N ALA B 126 4.09 28.69 21.25
CA ALA B 126 4.90 29.40 22.23
C ALA B 126 6.27 28.76 22.45
N GLU B 127 6.40 27.45 22.24
CA GLU B 127 7.72 26.86 22.41
C GLU B 127 8.81 27.76 21.79
N ILE B 128 8.71 28.08 20.49
CA ILE B 128 9.77 28.78 19.83
C ILE B 128 9.75 30.30 19.94
N ALA B 129 8.79 30.80 20.73
CA ALA B 129 8.70 32.22 21.06
C ALA B 129 9.92 32.71 21.82
N ARG B 130 10.38 33.92 21.48
CA ARG B 130 11.45 34.60 22.20
C ARG B 130 10.84 35.65 23.12
N PRO B 131 11.42 35.85 24.32
CA PRO B 131 12.60 35.15 24.86
C PRO B 131 12.34 33.71 25.42
N ASP B 132 11.10 33.41 25.83
CA ASP B 132 10.75 32.11 26.44
C ASP B 132 9.29 31.69 26.16
N ASP B 133 8.95 30.41 26.33
CA ASP B 133 7.60 29.99 25.99
C ASP B 133 6.57 30.86 26.69
N SER B 134 6.89 31.39 27.86
CA SER B 134 5.87 31.99 28.68
C SER B 134 5.19 33.07 27.84
N LEU B 135 5.94 33.67 26.94
CA LEU B 135 5.44 34.84 26.20
C LEU B 135 4.37 34.44 25.18
N GLU B 136 3.12 34.73 25.54
CA GLU B 136 1.94 34.33 24.78
C GLU B 136 1.94 34.93 23.37
N PRO B 137 2.13 34.06 22.36
CA PRO B 137 1.97 34.47 20.96
C PRO B 137 0.59 35.04 20.67
N PHE B 138 0.49 35.91 19.68
CA PHE B 138 -0.77 36.59 19.42
C PHE B 138 -1.98 35.67 19.33
N PHE B 139 -1.87 34.62 18.52
CA PHE B 139 -3.02 33.78 18.25
C PHE B 139 -3.55 33.11 19.49
N ASP B 140 -2.65 32.69 20.37
CA ASP B 140 -3.05 32.07 21.62
C ASP B 140 -3.79 33.09 22.44
N SER B 141 -3.30 34.34 22.44
CA SER B 141 -4.00 35.48 23.07
C SER B 141 -5.41 35.62 22.50
N LEU B 142 -5.53 35.60 21.18
CA LEU B 142 -6.84 35.78 20.53
C LEU B 142 -7.82 34.73 20.96
N VAL B 143 -7.37 33.50 20.93
CA VAL B 143 -8.20 32.35 21.27
C VAL B 143 -8.54 32.39 22.77
N LYS B 144 -7.58 32.77 23.60
CA LYS B 144 -7.79 32.80 25.06
C LYS B 144 -8.81 33.89 25.48
N GLN B 145 -8.85 35.03 24.80
CA GLN B 145 -9.74 36.11 25.18
C GLN B 145 -11.03 36.18 24.37
N THR B 146 -11.32 35.17 23.55
CA THR B 146 -12.55 35.24 22.76
C THR B 146 -13.10 33.87 22.49
N HIS B 147 -14.15 33.86 21.67
CA HIS B 147 -14.76 32.63 21.22
C HIS B 147 -14.30 32.23 19.82
N VAL B 148 -13.37 33.00 19.23
CA VAL B 148 -12.83 32.64 17.92
C VAL B 148 -12.24 31.24 18.01
N PRO B 149 -12.72 30.31 17.16
CA PRO B 149 -12.21 28.92 17.23
C PRO B 149 -10.70 28.82 17.03
N ASN B 150 -10.07 27.82 17.67
CA ASN B 150 -8.59 27.66 17.62
C ASN B 150 -8.20 27.06 16.28
N LEU B 151 -8.51 27.77 15.20
CA LEU B 151 -7.95 27.51 13.88
C LEU B 151 -7.86 28.77 13.00
N PHE B 152 -6.98 28.76 12.01
CA PHE B 152 -7.01 29.74 10.91
C PHE B 152 -6.65 29.11 9.55
N SER B 153 -7.03 29.72 8.44
CA SER B 153 -6.73 29.11 7.13
C SER B 153 -6.04 30.07 6.15
N LEU B 154 -5.11 29.57 5.33
CA LEU B 154 -4.36 30.47 4.51
C LEU B 154 -4.49 30.10 3.06
N GLN B 155 -5.05 31.03 2.32
CA GLN B 155 -5.02 30.96 0.89
C GLN B 155 -4.07 32.04 0.38
N LEU B 156 -2.98 31.64 -0.23
CA LEU B 156 -2.05 32.54 -0.80
C LEU B 156 -2.16 32.36 -2.28
N CYS B 157 -2.17 33.48 -2.99
CA CYS B 157 -2.31 33.50 -4.44
C CYS B 157 -1.09 34.10 -5.08
N GLY B 158 -0.60 33.42 -6.09
CA GLY B 158 0.62 33.80 -6.79
C GLY B 158 0.50 34.97 -7.74
N ALA B 159 1.68 35.46 -8.16
CA ALA B 159 1.79 36.55 -9.12
C ALA B 159 1.29 36.28 -10.56
N GLY B 160 1.59 35.11 -11.12
CA GLY B 160 1.15 34.82 -12.50
C GLY B 160 1.93 35.68 -13.50
N PHE B 161 1.64 36.98 -13.50
CA PHE B 161 2.51 38.02 -14.08
C PHE B 161 3.03 38.86 -12.89
N PRO B 162 4.36 39.17 -12.83
CA PRO B 162 4.97 39.71 -11.59
C PRO B 162 4.31 40.97 -10.98
N LEU B 163 4.15 40.99 -9.65
CA LEU B 163 3.62 42.17 -8.94
C LEU B 163 4.75 43.16 -8.63
N ASN B 164 4.52 44.42 -9.01
CA ASN B 164 5.32 45.59 -8.62
C ASN B 164 4.89 46.15 -7.26
N GLN B 165 5.68 47.06 -6.67
CA GLN B 165 5.34 47.53 -5.30
C GLN B 165 3.97 48.21 -5.24
N SER B 166 3.54 48.82 -6.35
CA SER B 166 2.21 49.45 -6.48
C SER B 166 1.14 48.53 -7.10
N GLU B 167 1.58 47.36 -7.62
CA GLU B 167 0.68 46.27 -8.03
C GLU B 167 0.60 44.98 -7.16
N VAL B 168 1.30 44.96 -6.02
CA VAL B 168 0.94 44.06 -4.90
C VAL B 168 -0.27 44.65 -4.10
N LEU B 169 -0.37 45.98 -4.09
CA LEU B 169 -1.57 46.73 -3.63
C LEU B 169 -2.91 46.70 -4.41
N ALA B 170 -2.87 46.86 -5.73
CA ALA B 170 -4.06 46.73 -6.60
C ALA B 170 -4.55 45.28 -6.83
N SER B 171 -3.59 44.36 -7.03
CA SER B 171 -3.89 42.95 -7.30
C SER B 171 -3.73 42.18 -5.98
N VAL B 172 -4.71 41.33 -5.69
CA VAL B 172 -4.87 40.80 -4.33
C VAL B 172 -3.97 39.56 -4.12
N GLY B 173 -3.35 39.51 -2.95
CA GLY B 173 -2.48 38.42 -2.57
C GLY B 173 -3.17 37.16 -2.11
N GLY B 174 -4.19 37.30 -1.27
CA GLY B 174 -4.91 36.10 -0.86
C GLY B 174 -5.78 36.29 0.35
N SER B 175 -6.04 35.21 1.11
CA SER B 175 -7.04 35.19 2.18
C SER B 175 -6.52 34.50 3.47
N MET B 176 -6.64 35.18 4.62
CA MET B 176 -6.34 34.53 5.90
C MET B 176 -7.63 34.40 6.69
N ILE B 177 -8.10 33.16 6.84
CA ILE B 177 -9.36 32.97 7.46
C ILE B 177 -9.11 32.67 8.91
N ILE B 178 -9.43 33.65 9.75
CA ILE B 178 -9.21 33.54 11.16
C ILE B 178 -10.40 32.87 11.85
N GLY B 179 -10.16 31.71 12.46
CA GLY B 179 -11.19 31.04 13.27
C GLY B 179 -11.99 30.00 12.52
N GLY B 180 -11.63 29.73 11.28
CA GLY B 180 -12.39 28.81 10.45
C GLY B 180 -11.88 28.60 9.04
N ILE B 181 -12.77 28.02 8.24
CA ILE B 181 -12.53 27.58 6.90
C ILE B 181 -13.59 28.27 6.03
N ASP B 182 -13.23 28.67 4.81
CA ASP B 182 -14.22 29.22 3.86
C ASP B 182 -14.16 28.34 2.62
N HIS B 183 -15.32 27.85 2.17
CA HIS B 183 -15.38 26.84 1.11
C HIS B 183 -15.21 27.42 -0.28
N SER B 184 -15.38 28.73 -0.41
CA SER B 184 -15.23 29.38 -1.72
C SER B 184 -13.78 29.31 -2.18
N LEU B 185 -12.87 29.22 -1.21
CA LEU B 185 -11.44 29.25 -1.44
C LEU B 185 -10.81 27.93 -1.91
N TYR B 186 -11.57 26.84 -1.85
CA TYR B 186 -11.01 25.62 -2.39
C TYR B 186 -11.94 24.75 -3.20
N THR B 187 -11.34 23.84 -3.96
CA THR B 187 -12.11 22.80 -4.58
C THR B 187 -11.62 21.46 -4.07
N GLY B 188 -12.53 20.49 -4.04
CA GLY B 188 -12.22 19.11 -3.75
C GLY B 188 -12.23 18.86 -2.26
N SER B 189 -11.47 17.84 -1.83
CA SER B 189 -11.41 17.45 -0.42
C SER B 189 -10.17 17.94 0.31
N LEU B 190 -10.38 18.32 1.57
CA LEU B 190 -9.33 18.61 2.51
C LEU B 190 -8.78 17.28 2.99
N TRP B 191 -7.48 17.09 2.79
CA TRP B 191 -6.70 15.98 3.33
C TRP B 191 -5.79 16.44 4.44
N TYR B 192 -5.94 15.84 5.63
CA TYR B 192 -5.18 16.24 6.80
C TYR B 192 -3.99 15.37 7.11
N THR B 193 -2.84 16.01 7.32
CA THR B 193 -1.65 15.38 7.87
C THR B 193 -1.56 15.80 9.31
N PRO B 194 -0.99 14.95 10.17
CA PRO B 194 -0.85 15.37 11.62
C PRO B 194 0.33 16.31 11.95
N ILE B 195 0.14 17.16 12.95
CA ILE B 195 1.22 18.06 13.41
C ILE B 195 2.08 17.28 14.41
N ARG B 196 3.31 17.00 14.06
CA ARG B 196 4.18 16.19 14.92
C ARG B 196 4.43 16.77 16.31
N ARG B 197 4.84 18.04 16.35
CA ARG B 197 5.10 18.72 17.60
C ARG B 197 4.64 20.14 17.46
N GLU B 198 4.06 20.68 18.52
CA GLU B 198 3.59 22.05 18.52
C GLU B 198 4.56 23.17 18.83
N TRP B 199 5.60 23.21 18.04
CA TRP B 199 6.53 24.32 18.07
C TRP B 199 6.50 25.01 16.71
N TYR B 200 7.30 24.54 15.76
CA TYR B 200 7.07 24.81 14.34
C TYR B 200 5.89 23.95 13.82
N TYR B 201 5.21 24.39 12.77
CA TYR B 201 4.08 23.62 12.24
C TYR B 201 4.81 22.48 11.58
N GLU B 202 5.11 21.45 12.39
CA GLU B 202 5.93 20.36 11.93
C GLU B 202 5.09 19.25 11.40
N VAL B 203 5.48 18.75 10.24
CA VAL B 203 4.79 17.63 9.60
C VAL B 203 5.84 16.60 9.16
N ILE B 204 5.40 15.40 8.80
CA ILE B 204 6.27 14.39 8.25
C ILE B 204 6.04 14.20 6.77
N ILE B 205 7.07 14.35 5.96
CA ILE B 205 7.03 13.93 4.58
C ILE B 205 7.41 12.46 4.54
N VAL B 206 6.60 11.65 3.87
CA VAL B 206 6.85 10.21 3.77
C VAL B 206 7.30 9.68 2.40
N ARG B 207 7.04 10.43 1.33
CA ARG B 207 7.55 10.07 0.02
C ARG B 207 7.71 11.30 -0.85
N VAL B 208 8.71 11.28 -1.71
CA VAL B 208 8.89 12.30 -2.74
C VAL B 208 9.07 11.70 -4.11
N GLU B 209 8.24 12.13 -5.05
CA GLU B 209 8.31 11.66 -6.42
C GLU B 209 8.38 12.82 -7.40
N ILE B 210 9.30 12.75 -8.35
CA ILE B 210 9.36 13.75 -9.41
C ILE B 210 8.98 13.08 -10.72
N ASN B 211 7.93 13.60 -11.35
CA ASN B 211 7.45 13.05 -12.61
C ASN B 211 7.11 11.57 -12.48
N GLY B 212 6.55 11.19 -11.34
CA GLY B 212 6.19 9.80 -11.12
C GLY B 212 7.37 8.90 -10.74
N GLN B 213 8.58 9.43 -10.67
CA GLN B 213 9.73 8.67 -10.23
C GLN B 213 9.98 8.93 -8.73
N ASP B 214 9.82 7.87 -7.94
CA ASP B 214 10.20 7.89 -6.55
C ASP B 214 11.69 8.11 -6.60
N LEU B 215 12.16 9.00 -5.73
CA LEU B 215 13.60 9.24 -5.56
C LEU B 215 14.33 8.11 -4.81
N LYS B 216 13.56 7.43 -3.98
CA LYS B 216 14.05 6.27 -3.24
C LYS B 216 14.96 6.55 -2.03
N MET B 217 14.99 7.80 -1.58
CA MET B 217 15.83 8.14 -0.42
C MET B 217 15.17 7.62 0.82
N ASP B 218 15.96 7.52 1.87
CA ASP B 218 15.47 7.07 3.16
C ASP B 218 14.44 8.06 3.67
N CYS B 219 13.44 7.56 4.38
CA CYS B 219 12.31 8.38 4.79
C CYS B 219 12.76 9.54 5.67
N LYS B 220 13.70 9.28 6.57
CA LYS B 220 14.13 10.30 7.52
C LYS B 220 14.74 11.49 6.81
N GLU B 221 15.55 11.25 5.78
CA GLU B 221 16.27 12.32 5.13
C GLU B 221 15.36 13.45 4.65
N TYR B 222 14.13 13.14 4.33
CA TYR B 222 13.21 14.19 3.89
C TYR B 222 12.84 15.20 5.01
N ASN B 223 12.90 14.71 6.26
CA ASN B 223 12.45 15.41 7.46
C ASN B 223 13.60 15.63 8.42
N TYR B 224 14.77 15.85 7.84
CA TYR B 224 15.97 15.98 8.59
C TYR B 224 16.44 17.44 8.55
N ASP B 225 16.49 18.14 9.67
CA ASP B 225 16.10 17.65 11.02
C ASP B 225 14.62 17.69 11.33
N LYS B 226 13.87 18.35 10.46
CA LYS B 226 12.41 18.51 10.57
C LYS B 226 11.91 18.98 9.23
N SER B 227 10.59 18.97 9.05
CA SER B 227 9.93 19.59 7.91
C SER B 227 8.79 20.45 8.44
N ILE B 228 8.66 21.69 7.96
CA ILE B 228 7.62 22.58 8.47
C ILE B 228 6.85 23.28 7.38
N VAL B 229 5.67 23.82 7.73
CA VAL B 229 4.91 24.58 6.76
C VAL B 229 5.06 26.03 7.16
N ASP B 230 5.67 26.81 6.28
CA ASP B 230 5.91 28.22 6.58
C ASP B 230 5.36 29.13 5.49
N SER B 231 4.60 30.13 5.91
CA SER B 231 4.19 31.19 5.02
C SER B 231 5.22 32.36 4.86
N GLY B 232 6.24 32.37 5.71
CA GLY B 232 7.17 33.49 5.83
C GLY B 232 8.47 33.24 5.14
N THR B 233 8.48 32.23 4.29
CA THR B 233 9.67 31.83 3.60
C THR B 233 9.24 31.64 2.17
N THR B 234 9.98 32.23 1.28
CA THR B 234 9.64 32.19 -0.08
C THR B 234 9.73 30.78 -0.64
N ASN B 235 10.94 30.23 -0.68
CA ASN B 235 11.25 29.00 -1.40
C ASN B 235 10.96 27.67 -0.71
N LEU B 236 10.84 26.60 -1.51
CA LEU B 236 10.83 25.27 -0.99
C LEU B 236 12.25 25.05 -0.57
N ARG B 237 12.46 24.73 0.69
CA ARG B 237 13.81 24.44 1.18
C ARG B 237 13.93 22.97 1.46
N LEU B 238 15.03 22.37 1.00
CA LEU B 238 15.28 20.95 1.11
C LEU B 238 16.62 20.71 1.78
N PRO B 239 16.72 19.64 2.58
CA PRO B 239 17.99 19.27 3.16
C PRO B 239 19.02 18.99 2.10
N LYS B 240 20.30 18.98 2.47
CA LYS B 240 21.37 19.02 1.49
C LYS B 240 21.35 17.83 0.53
N LYS B 241 21.09 16.62 1.03
CA LYS B 241 21.14 15.43 0.17
C LYS B 241 19.85 15.26 -0.65
N VAL B 242 18.77 15.82 -0.14
CA VAL B 242 17.50 15.77 -0.83
C VAL B 242 17.59 16.78 -1.94
N PHE B 243 18.06 17.98 -1.63
CA PHE B 243 18.16 19.04 -2.62
C PHE B 243 18.94 18.58 -3.87
N GLU B 244 19.98 17.79 -3.66
CA GLU B 244 20.85 17.34 -4.74
C GLU B 244 20.14 16.33 -5.65
N ALA B 245 19.52 15.31 -5.04
CA ALA B 245 18.74 14.32 -5.80
C ALA B 245 17.72 15.02 -6.63
N ALA B 246 17.02 15.95 -6.01
CA ALA B 246 15.95 16.67 -6.67
C ALA B 246 16.43 17.52 -7.82
N VAL B 247 17.46 18.31 -7.54
CA VAL B 247 18.00 19.20 -8.56
C VAL B 247 18.45 18.38 -9.75
N LYS B 248 19.17 17.29 -9.46
CA LYS B 248 19.68 16.41 -10.51
C LYS B 248 18.55 15.78 -11.33
N SER B 249 17.46 15.37 -10.67
CA SER B 249 16.35 14.86 -11.40
C SER B 249 15.71 15.98 -12.26
N ILE B 250 15.60 17.18 -11.71
CA ILE B 250 15.00 18.29 -12.48
C ILE B 250 15.92 18.68 -13.66
N LYS B 251 17.23 18.69 -13.46
CA LYS B 251 18.16 19.06 -14.53
C LYS B 251 18.14 18.10 -15.74
N ALA B 252 18.10 16.81 -15.47
CA ALA B 252 17.87 15.78 -16.48
C ALA B 252 16.53 15.94 -17.22
N ALA B 253 15.47 16.15 -16.47
CA ALA B 253 14.18 16.37 -17.07
C ALA B 253 14.23 17.55 -18.02
N SER B 254 15.04 18.55 -17.69
CA SER B 254 15.05 19.83 -18.41
C SER B 254 16.30 20.00 -19.23
N SER B 255 17.01 18.90 -19.52
CA SER B 255 18.36 18.96 -20.06
C SER B 255 18.38 19.28 -21.55
N THR B 256 17.22 19.56 -22.16
CA THR B 256 17.19 20.11 -23.53
C THR B 256 17.09 21.63 -23.56
N GLU B 257 17.54 22.29 -22.49
CA GLU B 257 17.69 23.76 -22.49
C GLU B 257 18.98 24.07 -21.76
N LYS B 258 19.51 25.25 -22.05
CA LYS B 258 20.80 25.68 -21.56
C LYS B 258 20.58 26.51 -20.32
N PHE B 259 21.39 26.24 -19.30
CA PHE B 259 21.25 26.95 -18.03
C PHE B 259 22.54 27.44 -17.40
N PRO B 260 22.58 28.75 -17.03
CA PRO B 260 23.59 29.17 -16.02
C PRO B 260 23.50 28.26 -14.77
N ASP B 261 24.62 27.81 -14.18
CA ASP B 261 24.55 26.97 -12.94
C ASP B 261 24.15 27.81 -11.71
N GLY B 262 24.53 29.07 -11.67
CA GLY B 262 24.06 29.99 -10.64
C GLY B 262 22.54 30.11 -10.61
N PHE B 263 21.91 29.76 -11.71
CA PHE B 263 20.48 29.57 -11.75
C PHE B 263 19.98 28.54 -10.77
N TRP B 264 20.65 27.37 -10.74
CA TRP B 264 20.27 26.27 -9.85
C TRP B 264 20.58 26.57 -8.39
N LEU B 265 21.40 27.59 -8.16
CA LEU B 265 21.65 28.02 -6.78
C LEU B 265 20.75 29.17 -6.37
N GLY B 266 19.85 29.57 -7.26
CA GLY B 266 18.83 30.57 -6.97
C GLY B 266 19.35 31.98 -7.09
N GLU B 267 20.59 32.15 -7.56
CA GLU B 267 21.20 33.49 -7.71
C GLU B 267 21.03 34.27 -9.05
N GLN B 268 21.33 33.63 -10.19
CA GLN B 268 20.98 34.19 -11.51
C GLN B 268 19.56 33.81 -11.94
N LEU B 269 18.96 34.61 -12.82
CA LEU B 269 17.66 34.27 -13.44
C LEU B 269 17.81 33.42 -14.71
N VAL B 270 16.66 33.13 -15.36
CA VAL B 270 16.59 32.74 -16.77
C VAL B 270 15.36 33.36 -17.40
N CYS B 271 15.45 33.61 -18.71
CA CYS B 271 14.40 34.28 -19.46
C CYS B 271 14.08 33.55 -20.74
N TRP B 272 12.82 33.69 -21.15
CA TRP B 272 12.37 33.26 -22.47
C TRP B 272 11.52 34.38 -23.03
N GLN B 273 11.35 34.38 -24.34
CA GLN B 273 10.44 35.31 -24.97
C GLN B 273 9.10 35.15 -24.32
N ALA B 274 8.36 36.26 -24.23
CA ALA B 274 7.12 36.28 -23.45
C ALA B 274 6.22 35.12 -23.88
N GLY B 275 5.77 34.35 -22.90
CA GLY B 275 4.87 33.23 -23.14
C GLY B 275 5.35 32.22 -24.16
N THR B 276 6.66 32.04 -24.31
CA THR B 276 7.21 30.86 -24.99
C THR B 276 7.89 29.96 -23.96
N THR B 277 7.69 30.25 -22.67
CA THR B 277 8.31 29.48 -21.60
C THR B 277 7.92 28.01 -21.73
N PRO B 278 8.91 27.12 -21.82
CA PRO B 278 8.66 25.68 -22.03
C PRO B 278 8.26 24.93 -20.73
N TRP B 279 7.04 25.16 -20.25
CA TRP B 279 6.63 24.58 -19.00
C TRP B 279 6.70 23.06 -19.04
N ASN B 280 6.38 22.51 -20.21
CA ASN B 280 6.32 21.09 -20.38
C ASN B 280 7.56 20.35 -19.92
N ILE B 281 8.75 20.89 -20.12
CA ILE B 281 9.96 20.11 -19.87
C ILE B 281 10.39 20.04 -18.41
N PHE B 282 9.70 20.81 -17.55
CA PHE B 282 9.92 20.81 -16.09
C PHE B 282 8.92 19.96 -15.29
N PRO B 283 9.42 18.99 -14.52
CA PRO B 283 8.60 17.93 -13.95
C PRO B 283 7.71 18.43 -12.84
N VAL B 284 6.66 17.70 -12.51
CA VAL B 284 5.93 17.99 -11.29
C VAL B 284 6.57 17.26 -10.13
N ILE B 285 6.42 17.84 -8.95
CA ILE B 285 6.96 17.29 -7.75
C ILE B 285 5.82 16.99 -6.84
N SER B 286 5.89 15.81 -6.26
CA SER B 286 4.88 15.30 -5.41
C SER B 286 5.45 15.03 -4.03
N LEU B 287 4.89 15.75 -3.06
CA LEU B 287 5.29 15.59 -1.67
C LEU B 287 4.17 14.85 -1.04
N TYR B 288 4.48 13.67 -0.53
CA TYR B 288 3.48 12.89 0.14
C TYR B 288 3.58 13.15 1.64
N LEU B 289 2.45 13.42 2.25
CA LEU B 289 2.43 13.81 3.62
C LEU B 289 1.72 12.72 4.36
N MET B 290 2.14 12.48 5.60
CA MET B 290 1.69 11.33 6.34
C MET B 290 0.24 11.56 6.72
N GLY B 291 -0.60 10.54 6.62
CA GLY B 291 -1.97 10.68 7.04
C GLY B 291 -2.12 10.59 8.55
N GLU B 292 -3.22 11.15 9.03
CA GLU B 292 -3.67 10.89 10.38
C GLU B 292 -3.70 9.39 10.64
N VAL B 293 -4.13 8.62 9.63
CA VAL B 293 -3.97 7.14 9.59
C VAL B 293 -3.01 6.94 8.41
N THR B 294 -1.99 6.12 8.59
CA THR B 294 -0.87 5.99 7.63
C THR B 294 -1.34 5.47 6.21
N ASN B 295 -2.55 4.91 6.13
CA ASN B 295 -3.12 4.46 4.85
C ASN B 295 -4.11 5.50 4.30
N GLN B 296 -4.14 6.68 4.93
CA GLN B 296 -4.76 7.87 4.36
C GLN B 296 -3.77 9.01 4.21
N SER B 297 -2.59 8.63 3.81
CA SER B 297 -1.58 9.59 3.44
C SER B 297 -2.02 10.10 2.07
N PHE B 298 -1.44 11.21 1.65
CA PHE B 298 -1.85 11.87 0.44
C PHE B 298 -0.71 12.61 -0.16
N ARG B 299 -0.92 13.12 -1.37
CA ARG B 299 0.14 13.83 -2.05
C ARG B 299 -0.32 15.18 -2.52
N ILE B 300 0.60 16.13 -2.45
CA ILE B 300 0.37 17.44 -3.01
C ILE B 300 1.38 17.59 -4.12
N THR B 301 0.88 18.00 -5.25
CA THR B 301 1.63 17.95 -6.48
C THR B 301 1.92 19.37 -6.86
N ILE B 302 3.22 19.68 -6.98
CA ILE B 302 3.73 21.02 -7.23
C ILE B 302 4.10 21.12 -8.70
N LEU B 303 3.57 22.12 -9.41
CA LEU B 303 3.94 22.36 -10.79
C LEU B 303 5.12 23.35 -10.92
N PRO B 304 5.93 23.22 -11.99
CA PRO B 304 6.97 24.23 -12.26
C PRO B 304 6.52 25.69 -12.21
N GLN B 305 5.30 26.00 -12.61
CA GLN B 305 4.84 27.39 -12.45
C GLN B 305 4.91 27.88 -10.99
N GLN B 306 5.07 26.99 -10.01
CA GLN B 306 5.22 27.36 -8.61
C GLN B 306 6.73 27.47 -8.25
N TYR B 307 7.53 26.48 -8.57
CA TYR B 307 8.96 26.54 -8.17
C TYR B 307 9.85 27.25 -9.19
N LEU B 308 9.26 27.75 -10.27
CA LEU B 308 9.89 28.78 -11.10
C LEU B 308 9.15 30.08 -10.84
N ARG B 309 9.80 30.92 -10.05
CA ARG B 309 9.18 32.10 -9.49
C ARG B 309 9.44 33.25 -10.46
N PRO B 310 8.38 33.92 -10.92
CA PRO B 310 8.58 35.11 -11.75
C PRO B 310 9.32 36.27 -11.05
N VAL B 311 10.10 37.02 -11.82
CA VAL B 311 10.65 38.32 -11.41
C VAL B 311 10.75 39.26 -12.60
N GLU B 312 10.91 40.54 -12.32
CA GLU B 312 11.19 41.55 -13.35
C GLU B 312 12.52 41.32 -14.09
N ASP B 313 12.44 41.31 -15.43
CA ASP B 313 13.61 41.27 -16.32
C ASP B 313 14.58 42.42 -15.97
N VAL B 314 15.88 42.11 -16.02
CA VAL B 314 16.93 43.11 -15.83
C VAL B 314 16.94 44.09 -17.03
N ALA B 315 16.75 43.53 -18.24
CA ALA B 315 16.61 44.32 -19.47
C ALA B 315 15.21 44.91 -19.72
N THR B 316 14.26 44.57 -18.85
CA THR B 316 12.95 45.19 -18.95
C THR B 316 12.48 45.00 -20.38
N SER B 317 12.91 43.88 -20.97
CA SER B 317 12.52 43.43 -22.31
C SER B 317 11.22 42.63 -22.33
N GLN B 318 10.73 42.26 -23.50
CA GLN B 318 9.41 41.65 -23.56
C GLN B 318 9.51 40.44 -22.63
N ASP B 319 10.71 39.90 -22.49
CA ASP B 319 10.91 38.48 -22.12
C ASP B 319 10.42 38.10 -20.71
N ASP B 320 9.93 36.86 -20.58
CA ASP B 320 9.38 36.29 -19.33
C ASP B 320 10.54 35.68 -18.56
N CYS B 321 10.74 36.14 -17.32
CA CYS B 321 11.92 35.78 -16.54
C CYS B 321 11.59 35.18 -15.20
N TYR B 322 12.46 34.28 -14.74
CA TYR B 322 12.16 33.39 -13.62
C TYR B 322 13.39 33.06 -12.72
N LYS B 323 13.10 32.83 -11.42
CA LYS B 323 14.11 32.44 -10.42
C LYS B 323 13.72 31.09 -9.83
N PHE B 324 14.65 30.15 -9.84
CA PHE B 324 14.45 28.82 -9.27
C PHE B 324 14.27 28.94 -7.75
N ALA B 325 13.06 28.62 -7.29
CA ALA B 325 12.70 28.71 -5.88
C ALA B 325 13.46 27.76 -4.95
N ILE B 326 13.65 26.52 -5.40
CA ILE B 326 14.19 25.48 -4.52
C ILE B 326 15.57 25.86 -3.99
N SER B 327 15.82 25.55 -2.72
CA SER B 327 17.05 25.94 -2.08
C SER B 327 17.47 24.87 -1.15
N GLN B 328 18.76 24.74 -1.01
CA GLN B 328 19.32 23.88 -0.01
C GLN B 328 19.02 24.46 1.36
N SER B 329 18.76 23.59 2.32
CA SER B 329 18.60 23.93 3.73
C SER B 329 19.61 23.09 4.51
N SER B 330 19.95 23.57 5.69
CA SER B 330 20.63 22.77 6.69
C SER B 330 19.80 22.77 7.99
N THR B 331 18.63 23.38 7.93
CA THR B 331 17.74 23.54 9.06
C THR B 331 16.46 22.73 8.77
N GLY B 332 16.54 21.76 7.85
CA GLY B 332 15.41 20.92 7.46
C GLY B 332 14.57 21.41 6.28
N THR B 333 13.68 20.54 5.80
CA THR B 333 12.67 20.91 4.81
C THR B 333 11.77 22.07 5.24
N VAL B 334 11.59 23.05 4.36
CA VAL B 334 10.62 24.12 4.57
C VAL B 334 9.74 24.25 3.36
N MET B 335 8.43 24.11 3.59
CA MET B 335 7.47 24.26 2.53
C MET B 335 7.02 25.70 2.63
N GLY B 336 7.63 26.55 1.79
CA GLY B 336 7.40 27.98 1.75
C GLY B 336 6.17 28.38 0.94
N ALA B 337 6.10 29.68 0.67
CA ALA B 337 4.91 30.29 0.09
C ALA B 337 4.68 29.80 -1.32
N VAL B 338 5.74 29.44 -2.03
CA VAL B 338 5.59 28.88 -3.37
C VAL B 338 4.96 27.48 -3.37
N ILE B 339 5.27 26.67 -2.39
CA ILE B 339 4.56 25.41 -2.23
C ILE B 339 3.10 25.63 -1.88
N MET B 340 2.87 26.56 -0.95
CA MET B 340 1.55 26.92 -0.47
C MET B 340 0.66 27.64 -1.47
N GLU B 341 1.20 28.39 -2.40
CA GLU B 341 0.38 29.13 -3.33
C GLU B 341 -0.58 28.24 -4.17
N GLY B 342 -0.17 27.05 -4.58
CA GLY B 342 -1.15 26.13 -5.17
C GLY B 342 -2.42 25.81 -4.34
N PHE B 343 -2.32 25.94 -3.03
CA PHE B 343 -3.21 25.22 -2.11
C PHE B 343 -3.82 26.08 -1.03
N TYR B 344 -4.96 25.63 -0.53
CA TYR B 344 -5.60 26.22 0.64
C TYR B 344 -5.19 25.36 1.85
N VAL B 345 -4.49 26.00 2.78
CA VAL B 345 -3.86 25.31 3.87
C VAL B 345 -4.53 25.66 5.16
N VAL B 346 -4.99 24.62 5.86
CA VAL B 346 -5.74 24.80 7.11
C VAL B 346 -4.86 24.39 8.28
N PHE B 347 -4.66 25.36 9.17
CA PHE B 347 -3.88 25.17 10.37
C PHE B 347 -4.84 24.82 11.49
N ASP B 348 -5.23 23.56 11.55
CA ASP B 348 -6.25 23.11 12.52
C ASP B 348 -5.61 22.79 13.86
N ARG B 349 -5.29 23.86 14.55
CA ARG B 349 -4.62 23.79 15.82
C ARG B 349 -5.42 23.02 16.83
N ALA B 350 -6.72 23.28 16.88
CA ALA B 350 -7.62 22.52 17.71
C ALA B 350 -7.43 21.01 17.62
N ARG B 351 -7.12 20.50 16.43
CA ARG B 351 -7.02 19.06 16.25
C ARG B 351 -5.60 18.59 15.87
N LYS B 352 -4.60 19.42 16.16
CA LYS B 352 -3.20 19.06 15.94
C LYS B 352 -3.02 18.52 14.52
N ARG B 353 -3.48 19.30 13.53
CA ARG B 353 -3.29 18.87 12.17
C ARG B 353 -3.36 19.96 11.14
N ILE B 354 -2.79 19.67 9.97
CA ILE B 354 -2.79 20.61 8.87
C ILE B 354 -3.60 20.04 7.72
N GLY B 355 -4.50 20.86 7.16
CA GLY B 355 -5.29 20.43 6.03
C GLY B 355 -4.69 20.95 4.74
N PHE B 356 -4.76 20.15 3.67
CA PHE B 356 -4.48 20.67 2.33
C PHE B 356 -5.64 20.47 1.39
N ALA B 357 -5.86 21.46 0.51
CA ALA B 357 -6.83 21.34 -0.61
C ALA B 357 -6.37 22.20 -1.75
N VAL B 358 -6.80 21.83 -2.95
CA VAL B 358 -6.62 22.70 -4.12
C VAL B 358 -7.26 24.09 -3.94
N SER B 359 -6.49 25.14 -4.16
CA SER B 359 -7.04 26.50 -4.03
C SER B 359 -7.88 26.91 -5.26
N ALA B 360 -8.80 27.83 -5.04
CA ALA B 360 -9.50 28.45 -6.15
C ALA B 360 -8.56 29.31 -6.97
N CYS B 361 -7.59 29.94 -6.30
CA CYS B 361 -6.38 30.47 -6.93
C CYS B 361 -5.31 29.40 -7.02
N HIS B 362 -5.54 28.43 -7.89
CA HIS B 362 -4.52 27.57 -8.45
C HIS B 362 -4.00 28.33 -9.67
N VAL B 363 -2.73 28.13 -10.02
CA VAL B 363 -2.21 28.53 -11.33
C VAL B 363 -2.62 27.44 -12.32
N HIS B 364 -2.84 27.81 -13.60
CA HIS B 364 -3.45 26.90 -14.58
C HIS B 364 -2.55 26.59 -15.79
N ASP B 365 -1.96 25.39 -15.77
CA ASP B 365 -1.26 24.78 -16.90
C ASP B 365 -2.32 24.16 -17.80
N GLU B 366 -2.10 24.15 -19.10
CA GLU B 366 -3.10 23.63 -20.03
C GLU B 366 -3.22 22.11 -19.90
N PHE B 367 -2.09 21.45 -19.66
CA PHE B 367 -2.03 19.99 -19.74
C PHE B 367 -1.76 19.30 -18.39
N ARG B 368 -1.54 20.07 -17.33
CA ARG B 368 -1.30 19.51 -15.99
C ARG B 368 -2.05 20.35 -14.98
N THR B 369 -2.09 19.88 -13.76
CA THR B 369 -2.82 20.60 -12.74
C THR B 369 -2.35 20.15 -11.35
N ALA B 370 -2.00 21.13 -10.50
CA ALA B 370 -1.71 20.90 -9.07
C ALA B 370 -2.79 20.06 -8.42
N ALA B 371 -2.44 19.18 -7.51
CA ALA B 371 -3.48 18.30 -6.98
C ALA B 371 -3.28 18.01 -5.55
N VAL B 372 -4.34 17.53 -4.93
CA VAL B 372 -4.24 16.92 -3.64
C VAL B 372 -4.97 15.61 -3.80
N GLU B 373 -4.20 14.55 -3.94
CA GLU B 373 -4.77 13.26 -4.27
C GLU B 373 -4.57 12.27 -3.13
N GLY B 374 -5.47 11.31 -3.02
CA GLY B 374 -5.36 10.21 -2.08
C GLY B 374 -6.54 9.27 -2.12
N PRO B 375 -6.52 8.26 -1.27
CA PRO B 375 -5.53 7.90 -0.27
C PRO B 375 -4.28 7.15 -0.77
N PHE B 376 -3.15 7.26 -0.07
CA PHE B 376 -1.95 6.39 -0.27
C PHE B 376 -1.63 5.74 1.06
N VAL B 377 -1.06 4.52 1.02
CA VAL B 377 -0.41 3.90 2.18
C VAL B 377 1.02 4.16 1.96
N THR B 378 1.62 4.62 3.05
CA THR B 378 2.96 5.10 3.19
C THR B 378 3.42 4.85 4.62
N LEU B 379 4.73 4.98 4.88
CA LEU B 379 5.31 4.67 6.19
C LEU B 379 4.81 5.64 7.28
N ASP B 380 4.55 5.07 8.46
CA ASP B 380 4.14 5.78 9.68
C ASP B 380 5.26 6.44 10.50
N MET B 381 4.85 7.27 11.47
CA MET B 381 5.73 8.28 12.08
C MET B 381 6.94 7.66 12.80
N GLU B 382 6.88 6.35 13.03
CA GLU B 382 7.97 5.67 13.74
C GLU B 382 9.12 5.56 12.75
N ASP B 383 8.79 5.29 11.49
CA ASP B 383 9.67 5.62 10.37
C ASP B 383 9.60 7.13 10.25
N CYS B 384 10.43 7.75 9.41
CA CYS B 384 10.06 9.03 8.77
C CYS B 384 10.11 10.34 9.60
N GLY B 385 10.56 10.21 10.83
CA GLY B 385 10.91 11.27 11.77
C GLY B 385 12.21 11.34 12.53
N TYR B 386 12.95 12.43 12.36
CA TYR B 386 14.22 12.55 13.07
C TYR B 386 14.05 12.66 14.58
N ASN B 387 15.01 12.10 15.30
CA ASN B 387 15.07 12.23 16.78
C ASN B 387 16.50 12.46 17.30
N ILE B 388 16.69 13.49 18.15
CA ILE B 388 18.03 13.83 18.69
C ILE B 388 18.79 12.64 19.30
N PHE C 1 -22.60 -25.72 5.16
CA PHE C 1 -22.03 -25.39 6.51
C PHE C 1 -22.98 -24.92 7.60
N VAL C 2 -24.23 -24.64 7.26
CA VAL C 2 -25.14 -24.13 8.27
C VAL C 2 -25.39 -25.21 9.33
N GLU C 3 -25.31 -26.46 8.92
CA GLU C 3 -25.35 -27.62 9.83
C GLU C 3 -24.43 -27.47 11.08
N MET C 4 -23.27 -26.80 10.90
CA MET C 4 -22.23 -26.65 11.93
C MET C 4 -22.22 -25.33 12.67
N VAL C 5 -23.12 -24.42 12.32
CA VAL C 5 -23.15 -23.16 13.06
C VAL C 5 -23.68 -23.43 14.47
N ASP C 6 -23.19 -22.68 15.46
CA ASP C 6 -23.50 -22.94 16.86
C ASP C 6 -23.28 -24.37 17.38
N ASN C 7 -22.27 -25.05 16.85
CA ASN C 7 -21.84 -26.34 17.38
C ASN C 7 -21.33 -26.19 18.81
N LEU C 8 -20.62 -25.11 19.06
CA LEU C 8 -19.68 -25.05 20.18
C LEU C 8 -20.21 -24.15 21.28
N ARG C 9 -20.29 -24.68 22.49
CA ARG C 9 -20.75 -23.94 23.65
C ARG C 9 -19.60 -23.84 24.65
N GLY C 10 -19.23 -22.61 24.97
CA GLY C 10 -18.14 -22.38 25.90
C GLY C 10 -18.15 -21.01 26.53
N LYS C 11 -17.42 -20.88 27.64
CA LYS C 11 -17.14 -19.59 28.23
C LYS C 11 -15.63 -19.39 28.13
N SER C 12 -15.20 -18.28 27.55
CA SER C 12 -13.79 -18.08 27.32
C SER C 12 -13.09 -18.56 28.58
N GLY C 13 -13.72 -18.27 29.72
CA GLY C 13 -13.19 -18.69 31.03
C GLY C 13 -12.83 -20.16 31.23
N GLN C 14 -13.73 -21.07 30.85
CA GLN C 14 -13.47 -22.50 30.98
C GLN C 14 -13.47 -23.21 29.65
N GLY C 15 -13.38 -22.45 28.55
CA GLY C 15 -13.12 -23.00 27.23
C GLY C 15 -14.36 -23.28 26.42
N TYR C 16 -14.17 -23.38 25.11
CA TYR C 16 -15.25 -23.71 24.22
C TYR C 16 -15.17 -25.20 23.90
N TYR C 17 -16.32 -25.85 23.69
CA TYR C 17 -16.34 -27.29 23.35
C TYR C 17 -17.39 -27.67 22.33
N VAL C 18 -17.00 -28.69 21.57
CA VAL C 18 -17.81 -29.29 20.55
C VAL C 18 -18.21 -30.65 21.08
N GLU C 19 -19.13 -31.34 20.42
CA GLU C 19 -19.58 -32.65 20.85
C GLU C 19 -19.00 -33.69 19.89
N MET C 20 -18.59 -34.84 20.43
CA MET C 20 -18.02 -35.89 19.60
C MET C 20 -18.51 -37.27 20.02
N THR C 21 -18.24 -38.27 19.18
CA THR C 21 -18.54 -39.65 19.52
C THR C 21 -17.28 -40.48 19.31
N VAL C 22 -17.06 -41.41 20.23
CA VAL C 22 -16.05 -42.44 20.04
C VAL C 22 -16.60 -43.81 20.41
N GLY C 23 -16.04 -44.81 19.74
CA GLY C 23 -16.33 -46.19 20.06
C GLY C 23 -17.42 -46.77 19.22
N SER C 24 -17.65 -48.06 19.39
CA SER C 24 -18.79 -48.70 18.80
C SER C 24 -19.47 -49.57 19.86
N PRO C 25 -20.71 -49.21 20.24
CA PRO C 25 -21.51 -48.07 19.78
C PRO C 25 -21.01 -46.71 20.27
N PRO C 26 -21.42 -45.65 19.59
CA PRO C 26 -20.91 -44.34 19.94
C PRO C 26 -21.17 -43.88 21.39
N GLN C 27 -20.10 -43.65 22.16
CA GLN C 27 -20.24 -42.96 23.45
C GLN C 27 -19.99 -41.45 23.27
N THR C 28 -20.96 -40.64 23.67
CA THR C 28 -20.88 -39.20 23.43
C THR C 28 -20.08 -38.48 24.47
N LEU C 29 -19.35 -37.46 24.03
CA LEU C 29 -18.53 -36.63 24.89
C LEU C 29 -18.38 -35.20 24.36
N ASN C 30 -18.29 -34.25 25.30
CA ASN C 30 -17.93 -32.86 24.97
C ASN C 30 -16.44 -32.55 25.10
N ILE C 31 -15.85 -32.08 24.03
CA ILE C 31 -14.42 -32.00 23.91
C ILE C 31 -14.04 -30.54 23.71
N LEU C 32 -13.18 -30.06 24.62
CA LEU C 32 -12.63 -28.72 24.50
C LEU C 32 -11.77 -28.61 23.25
N VAL C 33 -11.87 -27.45 22.60
CA VAL C 33 -11.22 -27.21 21.33
C VAL C 33 -10.02 -26.34 21.57
N ASP C 34 -8.85 -26.90 21.29
CA ASP C 34 -7.58 -26.26 21.60
C ASP C 34 -6.63 -26.22 20.41
N THR C 35 -6.51 -25.02 19.80
CA THR C 35 -5.51 -24.72 18.74
C THR C 35 -4.11 -24.47 19.29
N GLY C 36 -3.91 -24.78 20.56
CA GLY C 36 -2.64 -24.63 21.31
C GLY C 36 -1.90 -25.95 21.60
N SER C 37 -2.53 -27.08 21.23
CA SER C 37 -1.95 -28.40 21.44
C SER C 37 -2.39 -29.27 20.28
N SER C 38 -1.85 -30.49 20.21
CA SER C 38 -2.13 -31.40 19.11
C SER C 38 -2.53 -32.83 19.52
N ASN C 39 -2.77 -33.03 20.81
CA ASN C 39 -3.34 -34.27 21.30
C ASN C 39 -4.86 -34.27 21.49
N PHE C 40 -5.49 -35.36 21.02
CA PHE C 40 -6.90 -35.61 21.24
C PHE C 40 -6.92 -36.57 22.37
N ALA C 41 -7.61 -36.18 23.44
CA ALA C 41 -7.55 -36.90 24.69
C ALA C 41 -8.85 -36.81 25.45
N VAL C 42 -9.17 -37.86 26.21
CA VAL C 42 -10.44 -37.94 26.95
C VAL C 42 -10.26 -38.48 28.37
N GLY C 43 -11.12 -38.08 29.28
CA GLY C 43 -11.18 -38.74 30.59
C GLY C 43 -11.58 -40.18 30.34
N ALA C 44 -10.95 -41.15 31.02
CA ALA C 44 -11.23 -42.58 30.76
C ALA C 44 -11.54 -43.43 32.00
N ALA C 45 -11.98 -42.73 33.05
CA ALA C 45 -12.35 -43.31 34.33
C ALA C 45 -13.09 -42.24 35.13
N PRO C 46 -13.74 -42.59 36.23
CA PRO C 46 -14.31 -41.52 37.08
C PRO C 46 -13.30 -40.52 37.68
N HIS C 47 -13.79 -39.32 37.96
CA HIS C 47 -13.00 -38.21 38.48
C HIS C 47 -14.09 -37.29 39.03
N PRO C 48 -13.88 -36.66 40.20
CA PRO C 48 -14.97 -35.82 40.76
C PRO C 48 -15.67 -34.90 39.75
N PHE C 49 -14.90 -34.27 38.85
CA PHE C 49 -15.38 -33.23 37.91
C PHE C 49 -16.05 -33.71 36.62
N LEU C 50 -15.85 -34.97 36.28
CA LEU C 50 -16.45 -35.57 35.09
C LEU C 50 -17.88 -36.05 35.31
N HIS C 51 -18.79 -35.64 34.44
CA HIS C 51 -20.13 -36.19 34.41
C HIS C 51 -20.13 -37.57 33.74
N ARG C 52 -19.22 -37.78 32.78
CA ARG C 52 -19.11 -39.06 32.04
C ARG C 52 -17.66 -39.27 31.53
N TYR C 53 -17.41 -40.35 30.79
CA TYR C 53 -16.07 -40.66 30.29
C TYR C 53 -15.99 -41.79 29.26
N TYR C 54 -14.83 -41.91 28.62
CA TYR C 54 -14.55 -42.98 27.67
C TYR C 54 -14.29 -44.35 28.35
N GLN C 55 -15.00 -45.35 27.83
CA GLN C 55 -14.96 -46.70 28.35
C GLN C 55 -14.55 -47.65 27.26
N ARG C 56 -13.26 -47.74 27.05
CA ARG C 56 -12.72 -48.49 25.95
C ARG C 56 -13.27 -49.89 25.90
N GLN C 57 -13.43 -50.48 27.08
CA GLN C 57 -13.96 -51.82 27.24
C GLN C 57 -15.20 -52.07 26.37
N LEU C 58 -16.14 -51.14 26.32
CA LEU C 58 -17.38 -51.38 25.57
C LEU C 58 -17.18 -51.65 24.07
N SER C 59 -16.20 -50.95 23.52
CA SER C 59 -16.08 -50.54 22.11
C SER C 59 -15.41 -51.61 21.25
N SER C 60 -16.22 -52.20 20.36
CA SER C 60 -15.75 -53.25 19.45
C SER C 60 -14.61 -52.76 18.59
N THR C 61 -14.56 -51.44 18.38
CA THR C 61 -13.59 -50.81 17.47
C THR C 61 -12.31 -50.25 18.15
N TYR C 62 -12.26 -50.24 19.47
CA TYR C 62 -11.06 -49.77 20.18
C TYR C 62 -9.78 -50.64 19.94
N ARG C 63 -8.62 -50.01 20.09
CA ARG C 63 -7.33 -50.68 19.98
C ARG C 63 -6.34 -50.11 20.98
N ASP C 64 -5.35 -50.91 21.37
CA ASP C 64 -4.27 -50.46 22.26
C ASP C 64 -2.90 -50.63 21.58
N LEU C 65 -2.07 -49.59 21.61
CA LEU C 65 -0.82 -49.59 20.84
C LEU C 65 0.24 -50.64 21.20
N ARG C 66 0.54 -50.82 22.49
CA ARG C 66 0.13 -49.90 23.54
C ARG C 66 1.33 -49.12 24.09
N LYS C 67 1.18 -47.80 24.09
CA LYS C 67 2.14 -46.82 24.65
C LYS C 67 1.55 -45.77 25.61
N GLY C 68 2.36 -45.33 26.57
CA GLY C 68 2.03 -44.26 27.50
C GLY C 68 2.24 -42.85 26.95
N VAL C 69 1.65 -41.83 27.59
CA VAL C 69 1.81 -40.48 27.09
C VAL C 69 1.71 -39.53 28.27
N TYR C 70 2.32 -38.36 28.11
CA TYR C 70 2.18 -37.25 29.06
C TYR C 70 2.11 -36.03 28.21
N VAL C 71 1.26 -35.07 28.60
CA VAL C 71 1.27 -33.73 28.03
C VAL C 71 1.34 -32.64 29.10
N PRO C 72 2.21 -31.59 28.84
CA PRO C 72 2.05 -30.44 29.73
C PRO C 72 1.48 -29.21 29.01
N TYR C 73 0.48 -28.57 29.59
CA TYR C 73 0.00 -27.32 29.09
C TYR C 73 0.57 -26.27 30.01
N THR C 74 0.23 -25.02 29.75
CA THR C 74 0.65 -23.96 30.63
C THR C 74 -0.06 -24.00 32.00
N GLN C 75 -1.32 -24.45 31.99
CA GLN C 75 -2.15 -24.56 33.19
C GLN C 75 -2.40 -25.97 33.75
N GLY C 76 -2.73 -26.94 32.90
CA GLY C 76 -2.84 -28.33 33.35
C GLY C 76 -1.73 -29.26 32.85
N LYS C 77 -1.89 -30.53 33.17
CA LYS C 77 -1.09 -31.62 32.61
C LYS C 77 -1.86 -32.88 32.90
N TRP C 78 -1.80 -33.87 32.00
CA TRP C 78 -2.37 -35.21 32.23
C TRP C 78 -1.43 -36.26 31.68
N GLU C 79 -1.67 -37.50 32.07
CA GLU C 79 -0.95 -38.65 31.50
C GLU C 79 -1.97 -39.74 31.16
N GLY C 80 -1.65 -40.57 30.15
CA GLY C 80 -2.52 -41.71 29.86
C GLY C 80 -2.06 -42.75 28.84
N GLU C 81 -3.03 -43.55 28.42
CA GLU C 81 -2.76 -44.74 27.62
C GLU C 81 -3.23 -44.49 26.21
N LEU C 82 -2.31 -44.68 25.27
CA LEU C 82 -2.59 -44.45 23.87
C LEU C 82 -3.32 -45.61 23.24
N GLY C 83 -4.10 -45.26 22.23
CA GLY C 83 -5.00 -46.20 21.61
C GLY C 83 -5.66 -45.52 20.45
N THR C 84 -6.39 -46.27 19.63
CA THR C 84 -7.18 -45.65 18.58
C THR C 84 -8.59 -46.18 18.68
N ASP C 85 -9.49 -45.50 17.99
CA ASP C 85 -10.89 -45.87 17.93
C ASP C 85 -11.51 -45.08 16.80
N LEU C 86 -12.80 -45.27 16.58
CA LEU C 86 -13.52 -44.49 15.60
C LEU C 86 -14.12 -43.30 16.27
N VAL C 87 -14.08 -42.18 15.55
CA VAL C 87 -14.47 -40.91 16.11
C VAL C 87 -15.38 -40.22 15.10
N SER C 88 -16.41 -39.54 15.57
CA SER C 88 -17.24 -38.78 14.66
C SER C 88 -17.65 -37.46 15.27
N ILE C 89 -18.05 -36.51 14.43
CA ILE C 89 -18.54 -35.21 14.91
C ILE C 89 -20.01 -34.95 14.48
N PRO C 90 -20.95 -35.03 15.43
CA PRO C 90 -22.38 -35.04 15.08
C PRO C 90 -22.92 -33.76 14.41
N HIS C 91 -22.55 -32.60 14.93
CA HIS C 91 -22.61 -31.33 14.23
C HIS C 91 -21.25 -31.04 13.60
N GLY C 92 -20.85 -31.91 12.68
CA GLY C 92 -19.63 -31.74 11.89
C GLY C 92 -19.98 -32.35 10.54
N PRO C 93 -19.01 -32.89 9.82
CA PRO C 93 -19.33 -33.58 8.56
C PRO C 93 -19.72 -35.06 8.71
N ASN C 94 -20.44 -35.60 7.74
CA ASN C 94 -20.99 -36.93 7.88
C ASN C 94 -19.89 -37.90 7.55
N VAL C 95 -18.88 -37.92 8.43
CA VAL C 95 -17.78 -38.82 8.28
C VAL C 95 -17.40 -39.38 9.63
N THR C 96 -16.96 -40.63 9.60
CA THR C 96 -16.35 -41.26 10.72
C THR C 96 -14.90 -41.50 10.33
N VAL C 97 -13.98 -41.25 11.26
CA VAL C 97 -12.58 -41.55 11.02
C VAL C 97 -11.91 -42.24 12.19
N ARG C 98 -10.77 -42.83 11.87
CA ARG C 98 -9.97 -43.58 12.83
C ARG C 98 -8.84 -42.66 13.28
N ALA C 99 -8.88 -42.29 14.56
CA ALA C 99 -7.92 -41.35 15.08
C ALA C 99 -7.25 -41.85 16.38
N ASN C 100 -6.03 -41.42 16.62
CA ASN C 100 -5.39 -41.65 17.92
C ASN C 100 -6.16 -41.02 19.09
N ILE C 101 -6.14 -41.75 20.21
CA ILE C 101 -6.75 -41.30 21.43
C ILE C 101 -5.76 -41.51 22.55
N ALA C 102 -5.73 -40.58 23.49
CA ALA C 102 -5.08 -40.80 24.73
C ALA C 102 -6.18 -40.93 25.79
N ALA C 103 -6.27 -42.10 26.40
CA ALA C 103 -7.20 -42.33 27.48
C ALA C 103 -6.56 -41.84 28.75
N ILE C 104 -7.13 -40.84 29.38
CA ILE C 104 -6.45 -40.18 30.48
C ILE C 104 -6.54 -40.99 31.76
N THR C 105 -5.39 -41.19 32.40
CA THR C 105 -5.30 -41.87 33.71
C THR C 105 -5.05 -40.94 34.94
N GLU C 106 -4.17 -39.95 34.82
CA GLU C 106 -4.00 -38.97 35.92
C GLU C 106 -3.88 -37.58 35.34
N SER C 107 -4.12 -36.58 36.18
CA SER C 107 -4.24 -35.21 35.75
C SER C 107 -4.19 -34.29 36.92
N ASP C 108 -3.62 -33.11 36.67
CA ASP C 108 -3.56 -32.07 37.65
C ASP C 108 -3.83 -30.71 36.98
N LYS C 109 -4.71 -29.93 37.62
CA LYS C 109 -5.18 -28.63 37.15
C LYS C 109 -5.72 -28.65 35.71
N PHE C 110 -6.22 -29.78 35.23
CA PHE C 110 -6.66 -29.86 33.82
C PHE C 110 -8.17 -29.86 33.55
N PHE C 111 -8.90 -30.76 34.21
CA PHE C 111 -10.36 -30.81 34.21
C PHE C 111 -10.89 -29.71 35.10
N ILE C 112 -12.01 -29.12 34.72
CA ILE C 112 -12.54 -28.00 35.47
C ILE C 112 -13.89 -28.34 36.05
N ASN C 113 -14.00 -28.07 37.36
CA ASN C 113 -15.21 -28.36 38.10
C ASN C 113 -16.42 -27.78 37.42
N GLY C 114 -17.34 -28.67 37.03
CA GLY C 114 -18.57 -28.29 36.32
C GLY C 114 -18.35 -27.51 35.05
N SER C 115 -17.26 -27.84 34.36
CA SER C 115 -16.90 -27.36 33.04
C SER C 115 -17.83 -27.94 31.97
N ASN C 116 -18.14 -29.23 32.11
CA ASN C 116 -18.91 -29.97 31.10
C ASN C 116 -18.17 -30.44 29.83
N TRP C 117 -16.84 -30.44 29.89
CA TRP C 117 -16.00 -30.91 28.78
C TRP C 117 -15.14 -32.03 29.36
N GLU C 118 -15.05 -33.17 28.69
CA GLU C 118 -14.40 -34.32 29.33
C GLU C 118 -13.17 -34.76 28.51
N GLY C 119 -12.63 -33.83 27.74
CA GLY C 119 -11.53 -34.13 26.82
C GLY C 119 -11.10 -32.93 26.02
N ILE C 120 -10.11 -33.14 25.18
CA ILE C 120 -9.49 -32.02 24.53
C ILE C 120 -9.08 -32.43 23.14
N LEU C 121 -9.46 -31.59 22.17
CA LEU C 121 -9.13 -31.77 20.80
C LEU C 121 -7.99 -30.82 20.42
N GLY C 122 -6.76 -31.32 20.49
CA GLY C 122 -5.64 -30.54 20.00
C GLY C 122 -5.74 -30.35 18.50
N LEU C 123 -5.91 -29.12 18.05
CA LEU C 123 -6.01 -28.83 16.60
C LEU C 123 -4.71 -28.36 15.90
N ALA C 124 -3.62 -28.26 16.64
CA ALA C 124 -2.36 -27.87 16.04
C ALA C 124 -1.63 -29.02 15.30
N TYR C 125 -0.41 -28.75 14.89
CA TYR C 125 0.35 -29.63 14.02
C TYR C 125 1.12 -30.77 14.73
N ALA C 126 1.44 -31.81 13.97
CA ALA C 126 2.19 -33.02 14.48
C ALA C 126 3.40 -32.70 15.37
N GLU C 127 4.11 -31.63 15.06
CA GLU C 127 5.40 -31.38 15.68
C GLU C 127 5.26 -31.33 17.20
N ILE C 128 4.17 -30.76 17.71
CA ILE C 128 4.05 -30.66 19.20
C ILE C 128 3.17 -31.71 19.85
N ALA C 129 2.92 -32.77 19.12
CA ALA C 129 2.21 -33.93 19.62
C ALA C 129 3.09 -34.70 20.59
N ARG C 130 2.48 -35.26 21.62
CA ARG C 130 3.20 -36.12 22.53
C ARG C 130 2.79 -37.54 22.21
N PRO C 131 3.73 -38.50 22.33
CA PRO C 131 5.12 -38.36 22.80
C PRO C 131 6.03 -37.78 21.76
N ASP C 132 5.68 -37.95 20.49
CA ASP C 132 6.40 -37.28 19.39
C ASP C 132 5.50 -37.11 18.17
N ASP C 133 6.06 -36.57 17.09
CA ASP C 133 5.28 -36.18 15.91
C ASP C 133 4.75 -37.31 15.07
N SER C 134 5.20 -38.53 15.34
CA SER C 134 4.66 -39.67 14.61
C SER C 134 3.18 -39.95 15.00
N LEU C 135 2.73 -39.38 16.12
CA LEU C 135 1.33 -39.47 16.54
C LEU C 135 0.47 -38.46 15.79
N GLU C 136 -0.11 -38.92 14.69
CA GLU C 136 -0.97 -38.11 13.87
C GLU C 136 -2.08 -37.44 14.70
N PRO C 137 -2.12 -36.11 14.70
CA PRO C 137 -3.23 -35.45 15.35
C PRO C 137 -4.54 -35.69 14.61
N PHE C 138 -5.63 -35.52 15.36
CA PHE C 138 -6.98 -35.73 14.82
C PHE C 138 -7.24 -35.12 13.44
N PHE C 139 -6.93 -33.84 13.25
CA PHE C 139 -7.33 -33.18 12.03
C PHE C 139 -6.59 -33.73 10.83
N ASP C 140 -5.35 -34.14 11.06
CA ASP C 140 -4.54 -34.72 9.99
C ASP C 140 -5.24 -35.97 9.57
N SER C 141 -5.61 -36.82 10.53
CA SER C 141 -6.32 -38.06 10.22
C SER C 141 -7.56 -37.74 9.40
N LEU C 142 -8.36 -36.81 9.91
CA LEU C 142 -9.65 -36.50 9.31
C LEU C 142 -9.44 -36.12 7.89
N VAL C 143 -8.40 -35.33 7.66
CA VAL C 143 -8.13 -34.88 6.32
C VAL C 143 -7.60 -36.03 5.48
N LYS C 144 -6.75 -36.85 6.10
CA LYS C 144 -6.07 -37.91 5.38
C LYS C 144 -7.07 -38.95 4.93
N GLN C 145 -8.11 -39.16 5.72
CA GLN C 145 -9.05 -40.26 5.50
C GLN C 145 -10.30 -39.91 4.69
N THR C 146 -10.57 -38.64 4.43
CA THR C 146 -11.85 -38.21 3.90
C THR C 146 -11.65 -37.13 2.89
N HIS C 147 -12.74 -36.54 2.40
CA HIS C 147 -12.63 -35.45 1.43
C HIS C 147 -12.81 -34.08 2.07
N VAL C 148 -12.62 -33.99 3.37
CA VAL C 148 -12.78 -32.71 4.07
C VAL C 148 -11.57 -31.82 3.79
N PRO C 149 -11.80 -30.58 3.29
CA PRO C 149 -10.65 -29.73 2.99
C PRO C 149 -9.79 -29.42 4.22
N ASN C 150 -8.52 -29.16 3.95
CA ASN C 150 -7.60 -28.96 5.02
C ASN C 150 -7.66 -27.52 5.53
N LEU C 151 -8.72 -27.25 6.28
CA LEU C 151 -8.94 -25.98 6.97
C LEU C 151 -10.06 -26.15 8.00
N PHE C 152 -10.16 -25.20 8.94
CA PHE C 152 -11.34 -25.07 9.78
C PHE C 152 -11.40 -23.61 10.21
N SER C 153 -12.55 -23.07 10.59
CA SER C 153 -12.54 -21.72 11.10
C SER C 153 -13.26 -21.69 12.41
N LEU C 154 -13.00 -20.63 13.17
CA LEU C 154 -13.52 -20.52 14.50
C LEU C 154 -14.16 -19.14 14.74
N GLN C 155 -15.42 -19.15 15.15
CA GLN C 155 -16.08 -17.97 15.67
C GLN C 155 -16.35 -18.24 17.13
N LEU C 156 -15.75 -17.46 18.03
CA LEU C 156 -16.02 -17.63 19.44
C LEU C 156 -16.74 -16.40 19.87
N CYS C 157 -17.85 -16.56 20.59
CA CYS C 157 -18.62 -15.41 21.06
C CYS C 157 -18.99 -15.55 22.53
N GLY C 158 -18.89 -14.44 23.26
CA GLY C 158 -19.41 -14.38 24.60
C GLY C 158 -20.90 -14.26 24.46
N ALA C 159 -21.65 -14.81 25.40
CA ALA C 159 -23.08 -14.59 25.40
C ALA C 159 -23.21 -13.10 25.65
N GLY C 160 -24.25 -12.48 25.11
CA GLY C 160 -24.46 -11.06 25.29
C GLY C 160 -24.59 -10.88 26.78
N PHE C 161 -25.23 -11.88 27.37
CA PHE C 161 -25.26 -12.06 28.82
C PHE C 161 -24.72 -13.45 29.12
N PRO C 162 -24.21 -13.64 30.41
CA PRO C 162 -23.64 -14.97 30.63
C PRO C 162 -24.60 -15.91 31.35
N LEU C 163 -24.84 -17.06 30.74
CA LEU C 163 -25.69 -18.12 31.28
C LEU C 163 -24.86 -19.40 31.40
N ASN C 164 -25.08 -20.18 32.44
CA ASN C 164 -24.15 -21.23 32.81
C ASN C 164 -23.91 -22.20 31.66
N GLN C 165 -22.67 -22.67 31.58
CA GLN C 165 -22.11 -23.32 30.40
C GLN C 165 -22.80 -24.61 29.98
N SER C 166 -23.33 -25.36 30.94
CA SER C 166 -23.94 -26.64 30.63
C SER C 166 -25.12 -26.44 29.67
N GLU C 167 -25.24 -27.36 28.73
CA GLU C 167 -26.27 -27.28 27.69
C GLU C 167 -27.64 -27.56 28.30
N VAL C 168 -28.68 -27.24 27.56
CA VAL C 168 -28.56 -26.63 26.23
C VAL C 168 -27.93 -25.23 26.19
N LEU C 169 -28.36 -24.37 27.13
CA LEU C 169 -28.15 -22.94 27.02
C LEU C 169 -26.70 -22.47 27.06
N ALA C 170 -26.38 -21.50 26.19
CA ALA C 170 -25.10 -20.82 26.26
C ALA C 170 -25.01 -20.17 27.64
N SER C 171 -23.81 -20.17 28.16
CA SER C 171 -22.76 -20.90 27.47
C SER C 171 -22.08 -20.31 26.25
N VAL C 172 -22.43 -19.09 25.81
CA VAL C 172 -21.37 -18.37 25.12
C VAL C 172 -21.02 -19.04 23.80
N GLY C 173 -22.03 -19.56 23.11
CA GLY C 173 -21.83 -20.57 22.09
C GLY C 173 -21.04 -20.05 20.91
N GLY C 174 -20.16 -20.91 20.37
CA GLY C 174 -19.35 -20.55 19.23
C GLY C 174 -19.19 -21.67 18.22
N SER C 175 -18.96 -21.31 16.96
CA SER C 175 -18.96 -22.28 15.85
C SER C 175 -17.57 -22.74 15.49
N MET C 176 -17.44 -23.99 15.11
CA MET C 176 -16.23 -24.47 14.48
C MET C 176 -16.64 -25.05 13.16
N ILE C 177 -16.40 -24.29 12.10
CA ILE C 177 -16.71 -24.74 10.74
C ILE C 177 -15.56 -25.59 10.25
N ILE C 178 -15.83 -26.88 10.09
CA ILE C 178 -14.80 -27.85 9.69
C ILE C 178 -14.79 -28.09 8.18
N GLY C 179 -13.79 -27.56 7.50
CA GLY C 179 -13.57 -27.85 6.11
C GLY C 179 -13.91 -26.69 5.24
N GLY C 180 -14.21 -25.54 5.85
CA GLY C 180 -14.49 -24.38 5.04
C GLY C 180 -14.78 -23.13 5.80
N ILE C 181 -15.42 -22.19 5.09
CA ILE C 181 -15.77 -20.90 5.63
C ILE C 181 -17.26 -20.67 5.51
N ASP C 182 -17.82 -19.87 6.41
CA ASP C 182 -19.24 -19.51 6.36
C ASP C 182 -19.39 -18.00 6.40
N HIS C 183 -20.07 -17.48 5.38
CA HIS C 183 -20.13 -16.05 5.14
C HIS C 183 -21.08 -15.33 6.08
N SER C 184 -22.00 -16.08 6.67
CA SER C 184 -22.92 -15.51 7.65
C SER C 184 -22.25 -15.14 8.96
N LEU C 185 -21.02 -15.59 9.19
CA LEU C 185 -20.38 -15.48 10.50
C LEU C 185 -19.43 -14.31 10.60
N TYR C 186 -19.23 -13.61 9.50
CA TYR C 186 -18.41 -12.41 9.56
C TYR C 186 -18.87 -11.33 8.57
N THR C 187 -18.32 -10.16 8.77
CA THR C 187 -18.57 -9.02 7.93
C THR C 187 -17.24 -8.40 7.48
N GLY C 188 -17.31 -7.69 6.36
CA GLY C 188 -16.14 -7.12 5.73
C GLY C 188 -15.24 -8.15 5.08
N SER C 189 -13.96 -7.83 5.03
CA SER C 189 -13.02 -8.65 4.34
C SER C 189 -12.20 -9.47 5.32
N LEU C 190 -11.89 -10.70 4.88
CA LEU C 190 -10.89 -11.52 5.54
C LEU C 190 -9.49 -10.98 5.23
N TRP C 191 -8.63 -10.89 6.22
CA TRP C 191 -7.24 -10.57 5.97
C TRP C 191 -6.36 -11.71 6.45
N TYR C 192 -5.33 -12.02 5.70
CA TYR C 192 -4.56 -13.18 6.04
C TYR C 192 -3.15 -12.87 6.42
N THR C 193 -2.68 -13.54 7.48
CA THR C 193 -1.27 -13.49 7.91
C THR C 193 -0.66 -14.84 7.70
N PRO C 194 0.60 -14.92 7.24
CA PRO C 194 1.20 -16.24 7.00
C PRO C 194 1.42 -16.99 8.29
N ILE C 195 1.27 -18.30 8.23
CA ILE C 195 1.69 -19.10 9.34
C ILE C 195 3.18 -19.24 9.21
N ARG C 196 3.89 -18.80 10.24
CA ARG C 196 5.36 -18.79 10.19
C ARG C 196 5.93 -20.20 10.28
N ARG C 197 5.29 -21.08 11.01
CA ARG C 197 5.82 -22.35 11.22
C ARG C 197 4.70 -23.29 11.61
N GLU C 198 4.67 -24.48 11.01
CA GLU C 198 3.62 -25.43 11.26
C GLU C 198 3.79 -26.25 12.54
N TRP C 199 3.83 -25.57 13.69
CA TRP C 199 3.80 -26.25 15.00
C TRP C 199 2.67 -25.86 15.95
N TYR C 200 2.85 -24.77 16.67
CA TYR C 200 1.75 -23.93 17.16
C TYR C 200 1.35 -23.03 15.98
N TYR C 201 0.12 -22.50 15.97
CA TYR C 201 -0.27 -21.68 14.84
C TYR C 201 0.46 -20.35 15.01
N GLU C 202 1.72 -20.32 14.57
CA GLU C 202 2.61 -19.20 14.82
C GLU C 202 2.43 -18.11 13.77
N VAL C 203 2.47 -16.86 14.22
CA VAL C 203 2.29 -15.74 13.32
C VAL C 203 3.25 -14.67 13.78
N ILE C 204 3.31 -13.56 13.05
CA ILE C 204 4.21 -12.48 13.40
C ILE C 204 3.48 -11.16 13.56
N ILE C 205 3.58 -10.60 14.76
CA ILE C 205 3.06 -9.30 15.07
C ILE C 205 4.12 -8.28 14.69
N VAL C 206 3.74 -7.23 13.97
CA VAL C 206 4.69 -6.21 13.55
C VAL C 206 4.68 -4.97 14.45
N ARG C 207 3.49 -4.51 14.80
CA ARG C 207 3.34 -3.30 15.61
C ARG C 207 2.16 -3.41 16.57
N VAL C 208 2.22 -2.65 17.66
CA VAL C 208 1.14 -2.60 18.63
C VAL C 208 0.75 -1.16 18.94
N GLU C 209 -0.54 -0.88 19.02
CA GLU C 209 -0.98 0.46 19.35
C GLU C 209 -2.03 0.38 20.39
N ILE C 210 -1.96 1.33 21.32
CA ILE C 210 -2.97 1.46 22.33
C ILE C 210 -3.57 2.83 22.12
N ASN C 211 -4.84 2.84 21.69
CA ASN C 211 -5.59 4.07 21.46
C ASN C 211 -4.98 5.00 20.41
N GLY C 212 -4.33 4.40 19.39
CA GLY C 212 -3.66 5.16 18.34
C GLY C 212 -2.16 5.22 18.59
N GLN C 213 -1.73 5.02 19.83
CA GLN C 213 -0.32 5.21 20.21
C GLN C 213 0.63 3.99 20.09
N ASP C 214 1.68 4.13 19.27
CA ASP C 214 2.68 3.08 19.05
C ASP C 214 3.57 2.86 20.29
N LEU C 215 3.49 1.67 20.89
CA LEU C 215 4.40 1.31 21.99
C LEU C 215 5.87 1.33 21.60
N LYS C 216 6.16 1.45 20.31
CA LYS C 216 7.49 1.87 19.85
C LYS C 216 8.60 1.02 20.49
N MET C 217 8.38 -0.29 20.54
CA MET C 217 9.39 -1.26 20.96
C MET C 217 9.97 -1.99 19.75
N ASP C 218 11.09 -2.69 19.93
CA ASP C 218 11.61 -3.55 18.87
C ASP C 218 10.53 -4.57 18.51
N CYS C 219 10.49 -4.84 17.23
CA CYS C 219 9.59 -5.76 16.62
C CYS C 219 9.64 -7.17 17.26
N LYS C 220 10.85 -7.64 17.56
CA LYS C 220 11.06 -8.97 18.12
C LYS C 220 10.43 -9.16 19.51
N GLU C 221 10.34 -8.08 20.28
CA GLU C 221 9.85 -8.13 21.64
C GLU C 221 8.42 -8.61 21.68
N TYR C 222 7.65 -8.23 20.67
CA TYR C 222 6.29 -8.76 20.48
C TYR C 222 6.20 -10.26 20.23
N ASN C 223 7.22 -10.81 19.54
CA ASN C 223 7.23 -12.22 19.15
C ASN C 223 8.24 -13.10 19.91
N TYR C 224 8.55 -12.67 21.12
CA TYR C 224 9.58 -13.27 21.96
C TYR C 224 8.89 -14.12 23.04
N ASP C 225 8.98 -15.46 22.97
CA ASP C 225 9.79 -16.23 22.00
C ASP C 225 8.98 -16.78 20.84
N LYS C 226 7.67 -16.52 20.86
CA LYS C 226 6.79 -16.83 19.73
C LYS C 226 5.47 -16.07 19.88
N SER C 227 4.70 -15.95 18.79
CA SER C 227 3.29 -15.52 18.90
C SER C 227 2.42 -16.57 18.31
N ILE C 228 1.31 -16.90 18.96
CA ILE C 228 0.43 -17.96 18.49
C ILE C 228 -1.02 -17.62 18.72
N VAL C 229 -1.89 -18.40 18.07
CA VAL C 229 -3.32 -18.23 18.18
C VAL C 229 -3.92 -19.49 18.86
N ASP C 230 -4.64 -19.27 19.94
CA ASP C 230 -4.91 -20.33 20.87
C ASP C 230 -6.27 -20.18 21.47
N SER C 231 -7.18 -21.04 21.00
CA SER C 231 -8.54 -21.05 21.45
C SER C 231 -8.67 -21.65 22.82
N GLY C 232 -7.59 -22.31 23.27
CA GLY C 232 -7.59 -23.02 24.57
C GLY C 232 -6.94 -22.19 25.64
N THR C 233 -6.71 -20.90 25.34
CA THR C 233 -6.29 -19.92 26.32
C THR C 233 -7.27 -18.77 26.43
N THR C 234 -7.56 -18.37 27.68
CA THR C 234 -8.53 -17.31 27.97
C THR C 234 -8.01 -15.92 27.61
N ASN C 235 -6.86 -15.57 28.15
CA ASN C 235 -6.39 -14.21 28.12
C ASN C 235 -5.59 -13.90 26.88
N LEU C 236 -5.53 -12.63 26.51
CA LEU C 236 -4.42 -12.17 25.70
C LEU C 236 -3.18 -12.16 26.58
N ARG C 237 -2.22 -13.05 26.32
CA ARG C 237 -0.98 -13.09 27.10
C ARG C 237 0.18 -12.39 26.39
N LEU C 238 0.78 -11.40 27.06
CA LEU C 238 1.95 -10.75 26.52
C LEU C 238 3.27 -11.09 27.22
N PRO C 239 4.40 -11.10 26.48
CA PRO C 239 5.75 -11.16 27.03
C PRO C 239 5.88 -10.07 28.10
N LYS C 240 6.71 -10.37 29.11
CA LYS C 240 6.85 -9.49 30.27
C LYS C 240 7.03 -8.05 29.81
N LYS C 241 8.09 -7.82 29.04
CA LYS C 241 8.51 -6.46 28.72
C LYS C 241 7.38 -5.69 28.05
N VAL C 242 6.61 -6.43 27.25
CA VAL C 242 5.53 -5.87 26.46
C VAL C 242 4.33 -5.64 27.38
N PHE C 243 4.02 -6.64 28.19
CA PHE C 243 2.88 -6.56 29.12
C PHE C 243 2.89 -5.30 29.99
N GLU C 244 4.04 -4.96 30.52
CA GLU C 244 4.12 -3.77 31.35
C GLU C 244 3.83 -2.58 30.47
N ALA C 245 4.56 -2.47 29.37
CA ALA C 245 4.38 -1.37 28.43
C ALA C 245 2.91 -1.20 28.06
N ALA C 246 2.22 -2.33 27.83
CA ALA C 246 0.79 -2.33 27.48
C ALA C 246 -0.19 -1.81 28.54
N VAL C 247 -0.01 -2.21 29.80
CA VAL C 247 -0.80 -1.68 30.92
C VAL C 247 -0.37 -0.25 31.37
N LYS C 248 0.93 0.03 31.40
CA LYS C 248 1.39 1.39 31.59
C LYS C 248 0.54 2.33 30.74
N SER C 249 0.47 2.04 29.45
CA SER C 249 -0.31 2.83 28.49
C SER C 249 -1.84 2.71 28.66
N ILE C 250 -2.32 1.53 29.02
CA ILE C 250 -3.76 1.32 29.19
C ILE C 250 -4.25 2.03 30.46
N LYS C 251 -3.38 2.16 31.46
CA LYS C 251 -3.71 2.89 32.70
C LYS C 251 -3.78 4.37 32.43
N ALA C 252 -2.69 4.89 31.88
CA ALA C 252 -2.56 6.28 31.50
C ALA C 252 -3.72 6.78 30.64
N ALA C 253 -4.33 5.92 29.83
CA ALA C 253 -5.54 6.30 29.07
C ALA C 253 -6.82 6.22 29.89
N SER C 254 -6.71 5.81 31.15
CA SER C 254 -7.88 5.57 32.02
C SER C 254 -7.64 6.14 33.41
N SER C 255 -7.15 7.38 33.45
CA SER C 255 -6.80 8.06 34.69
C SER C 255 -8.00 8.69 35.37
N THR C 256 -9.05 9.03 34.60
CA THR C 256 -10.26 9.66 35.16
C THR C 256 -10.90 8.77 36.24
N GLU C 257 -10.77 7.45 36.06
CA GLU C 257 -10.91 6.51 37.15
C GLU C 257 -9.54 5.88 37.46
N LYS C 258 -9.47 5.21 38.60
CA LYS C 258 -8.30 4.44 39.00
C LYS C 258 -8.78 3.25 39.81
N PHE C 259 -8.00 2.18 39.75
CA PHE C 259 -8.50 0.89 40.15
C PHE C 259 -7.51 0.25 41.08
N PRO C 260 -7.93 -0.77 41.82
CA PRO C 260 -6.98 -1.52 42.66
C PRO C 260 -5.92 -2.14 41.76
N ASP C 261 -4.67 -2.12 42.21
CA ASP C 261 -3.50 -2.46 41.37
C ASP C 261 -3.20 -3.96 41.39
N GLY C 262 -4.07 -4.70 42.08
CA GLY C 262 -4.20 -6.14 41.92
C GLY C 262 -5.27 -6.51 40.90
N PHE C 263 -5.94 -5.50 40.39
CA PHE C 263 -6.88 -5.69 39.29
C PHE C 263 -6.12 -5.82 37.99
N TRP C 264 -5.14 -4.94 37.80
CA TRP C 264 -4.30 -4.96 36.62
C TRP C 264 -3.34 -6.17 36.64
N LEU C 265 -3.12 -6.74 37.82
CA LEU C 265 -2.43 -8.04 37.90
C LEU C 265 -3.41 -9.18 37.66
N GLY C 266 -4.67 -8.86 37.39
CA GLY C 266 -5.63 -9.81 36.86
C GLY C 266 -6.25 -10.77 37.85
N GLU C 267 -6.03 -10.55 39.14
CA GLU C 267 -6.57 -11.41 40.18
C GLU C 267 -7.71 -10.78 40.98
N GLN C 268 -7.91 -9.48 40.83
CA GLN C 268 -9.00 -8.80 41.48
C GLN C 268 -9.94 -8.23 40.42
N LEU C 269 -11.25 -8.35 40.64
CA LEU C 269 -12.27 -7.86 39.68
C LEU C 269 -12.79 -6.45 40.03
N VAL C 270 -13.69 -5.89 39.21
CA VAL C 270 -14.30 -4.56 39.45
C VAL C 270 -15.76 -4.51 39.02
N CYS C 271 -16.51 -3.62 39.66
CA CYS C 271 -17.96 -3.56 39.48
C CYS C 271 -18.43 -2.14 39.23
N TRP C 272 -19.51 -2.03 38.48
CA TRP C 272 -20.21 -0.77 38.28
C TRP C 272 -21.68 -1.12 38.31
N GLN C 273 -22.52 -0.11 38.56
CA GLN C 273 -23.97 -0.31 38.46
C GLN C 273 -24.30 -0.94 37.09
N ALA C 274 -25.19 -1.94 37.09
CA ALA C 274 -25.58 -2.65 35.86
C ALA C 274 -25.82 -1.73 34.66
N GLY C 275 -25.13 -2.00 33.54
CA GLY C 275 -25.30 -1.22 32.31
C GLY C 275 -24.83 0.23 32.37
N THR C 276 -24.02 0.56 33.38
CA THR C 276 -23.32 1.86 33.48
C THR C 276 -21.83 1.62 33.42
N THR C 277 -21.43 0.61 32.64
CA THR C 277 -20.02 0.26 32.55
C THR C 277 -19.36 1.30 31.62
N PRO C 278 -18.31 1.92 32.13
CA PRO C 278 -17.68 3.09 31.52
C PRO C 278 -16.68 2.67 30.47
N TRP C 279 -17.20 2.19 29.35
CA TRP C 279 -16.35 1.72 28.29
C TRP C 279 -15.41 2.81 27.77
N ASN C 280 -15.94 3.98 27.47
CA ASN C 280 -15.17 4.94 26.70
C ASN C 280 -13.83 5.22 27.39
N ILE C 281 -13.81 5.22 28.72
CA ILE C 281 -12.57 5.55 29.42
C ILE C 281 -11.44 4.70 28.84
N PHE C 282 -11.75 3.46 28.49
CA PHE C 282 -10.75 2.47 28.07
C PHE C 282 -10.31 2.49 26.59
N PRO C 283 -9.01 2.29 26.35
CA PRO C 283 -8.39 2.34 24.99
C PRO C 283 -8.56 1.10 24.07
N VAL C 284 -8.64 1.31 22.76
CA VAL C 284 -8.58 0.19 21.82
C VAL C 284 -7.14 -0.30 21.70
N ILE C 285 -7.00 -1.59 21.43
CA ILE C 285 -5.69 -2.22 21.21
C ILE C 285 -5.68 -2.77 19.81
N SER C 286 -4.54 -2.56 19.15
CA SER C 286 -4.41 -2.92 17.77
C SER C 286 -3.14 -3.71 17.57
N LEU C 287 -3.28 -4.93 17.06
CA LEU C 287 -2.11 -5.68 16.65
C LEU C 287 -2.02 -5.61 15.14
N TYR C 288 -0.86 -5.21 14.65
CA TYR C 288 -0.58 -5.25 13.24
C TYR C 288 0.10 -6.59 12.97
N LEU C 289 -0.34 -7.29 11.94
CA LEU C 289 0.19 -8.61 11.59
C LEU C 289 0.79 -8.61 10.21
N MET C 290 1.67 -9.57 9.98
CA MET C 290 2.37 -9.65 8.72
C MET C 290 1.40 -9.99 7.62
N GLY C 291 1.48 -9.29 6.50
CA GLY C 291 0.63 -9.57 5.37
C GLY C 291 1.03 -10.71 4.47
N GLU C 292 0.36 -10.78 3.33
CA GLU C 292 0.59 -11.82 2.33
C GLU C 292 1.47 -11.38 1.19
N VAL C 293 1.67 -10.08 1.07
CA VAL C 293 2.28 -9.41 -0.07
C VAL C 293 3.50 -8.59 0.48
N THR C 294 4.46 -8.27 -0.38
CA THR C 294 5.69 -7.69 0.06
C THR C 294 5.48 -6.34 0.76
N ASN C 295 6.00 -6.23 1.96
CA ASN C 295 5.88 -4.98 2.70
C ASN C 295 4.43 -4.55 2.87
N GLN C 296 3.51 -5.50 3.03
CA GLN C 296 2.13 -5.15 3.36
C GLN C 296 1.68 -5.78 4.68
N SER C 297 1.04 -4.99 5.55
CA SER C 297 0.53 -5.58 6.80
C SER C 297 -0.92 -5.18 7.01
N PHE C 298 -1.49 -5.63 8.11
CA PHE C 298 -2.86 -5.28 8.44
C PHE C 298 -3.02 -5.35 9.92
N ARG C 299 -4.15 -4.87 10.40
CA ARG C 299 -4.25 -4.70 11.82
C ARG C 299 -5.59 -5.13 12.26
N ILE C 300 -5.58 -5.74 13.44
CA ILE C 300 -6.77 -6.12 14.14
C ILE C 300 -6.93 -5.24 15.40
N THR C 301 -8.15 -4.83 15.69
CA THR C 301 -8.40 -3.94 16.81
C THR C 301 -9.49 -4.53 17.69
N ILE C 302 -9.25 -4.58 19.01
CA ILE C 302 -10.33 -4.98 19.96
C ILE C 302 -10.69 -3.84 20.90
N LEU C 303 -11.89 -3.94 21.44
CA LEU C 303 -12.43 -2.98 22.36
C LEU C 303 -12.18 -3.50 23.76
N PRO C 304 -12.53 -2.69 24.79
CA PRO C 304 -12.52 -3.19 26.16
C PRO C 304 -13.52 -4.31 26.38
N GLN C 305 -14.57 -4.35 25.55
CA GLN C 305 -15.56 -5.41 25.59
C GLN C 305 -14.88 -6.78 25.47
N GLN C 306 -13.78 -6.83 24.73
CA GLN C 306 -13.02 -8.05 24.57
C GLN C 306 -12.05 -8.22 25.76
N TYR C 307 -11.23 -7.21 26.07
CA TYR C 307 -10.16 -7.46 27.04
C TYR C 307 -10.56 -7.33 28.52
N LEU C 308 -11.85 -7.09 28.76
CA LEU C 308 -12.44 -7.12 30.10
C LEU C 308 -13.51 -8.20 30.13
N ARG C 309 -13.28 -9.25 30.90
CA ARG C 309 -14.14 -10.43 30.89
C ARG C 309 -15.17 -10.41 32.02
N PRO C 310 -16.46 -10.57 31.69
CA PRO C 310 -17.48 -10.68 32.74
C PRO C 310 -17.34 -11.93 33.63
N VAL C 311 -17.75 -11.79 34.89
CA VAL C 311 -17.71 -12.90 35.83
C VAL C 311 -18.72 -12.68 36.96
N GLU C 312 -19.11 -13.75 37.64
CA GLU C 312 -19.98 -13.64 38.79
C GLU C 312 -19.46 -12.89 40.02
N ASP C 313 -20.34 -12.24 40.77
CA ASP C 313 -19.87 -11.50 41.94
C ASP C 313 -19.24 -12.39 43.01
N VAL C 314 -18.12 -11.94 43.59
CA VAL C 314 -17.49 -12.61 44.71
C VAL C 314 -18.39 -12.17 45.86
N ALA C 315 -18.73 -10.90 45.87
CA ALA C 315 -19.74 -10.36 46.78
C ALA C 315 -20.94 -9.99 45.94
N THR C 316 -22.12 -10.45 46.33
CA THR C 316 -23.31 -10.29 45.50
C THR C 316 -23.67 -8.82 45.27
N SER C 317 -23.98 -8.50 44.03
CA SER C 317 -24.38 -7.15 43.65
C SER C 317 -25.20 -7.18 42.35
N GLN C 318 -25.96 -6.13 42.11
CA GLN C 318 -26.71 -6.01 40.85
C GLN C 318 -25.78 -5.54 39.72
N ASP C 319 -24.50 -5.54 40.03
CA ASP C 319 -23.42 -4.84 39.33
C ASP C 319 -22.91 -5.70 38.18
N ASP C 320 -22.31 -5.06 37.18
CA ASP C 320 -21.55 -5.77 36.15
C ASP C 320 -20.09 -5.82 36.60
N CYS C 321 -19.54 -7.02 36.80
CA CYS C 321 -18.16 -7.17 37.26
C CYS C 321 -17.25 -7.87 36.25
N TYR C 322 -16.03 -7.35 36.12
CA TYR C 322 -15.14 -7.67 35.03
C TYR C 322 -13.73 -7.94 35.50
N LYS C 323 -13.16 -9.04 35.04
CA LYS C 323 -11.76 -9.38 35.30
C LYS C 323 -10.95 -8.96 34.07
N PHE C 324 -9.92 -8.17 34.29
CA PHE C 324 -9.03 -7.70 33.22
C PHE C 324 -8.34 -8.91 32.61
N ALA C 325 -8.57 -9.17 31.32
CA ALA C 325 -8.09 -10.43 30.72
C ALA C 325 -6.83 -10.31 29.88
N ILE C 326 -5.93 -9.39 30.22
CA ILE C 326 -4.62 -9.30 29.55
C ILE C 326 -3.56 -9.65 30.57
N SER C 327 -2.68 -10.60 30.25
CA SER C 327 -1.78 -11.22 31.23
C SER C 327 -0.33 -11.14 30.84
N GLN C 328 0.52 -11.33 31.82
CA GLN C 328 1.93 -11.46 31.57
C GLN C 328 2.17 -12.88 31.08
N SER C 329 3.23 -13.04 30.29
CA SER C 329 3.62 -14.33 29.79
C SER C 329 5.10 -14.41 29.68
N SER C 330 5.65 -15.57 29.98
CA SER C 330 7.08 -15.82 29.77
C SER C 330 7.27 -16.82 28.62
N THR C 331 6.19 -17.15 27.89
CA THR C 331 6.28 -17.98 26.68
C THR C 331 5.72 -17.29 25.42
N GLY C 332 5.92 -15.98 25.30
CA GLY C 332 5.55 -15.27 24.08
C GLY C 332 4.07 -14.92 24.00
N THR C 333 3.65 -14.44 22.85
CA THR C 333 2.31 -13.94 22.77
C THR C 333 1.36 -15.08 22.54
N VAL C 334 0.17 -14.97 23.13
CA VAL C 334 -0.87 -15.95 22.94
C VAL C 334 -2.15 -15.22 22.74
N MET C 335 -2.61 -15.20 21.50
CA MET C 335 -3.83 -14.53 21.20
C MET C 335 -4.87 -15.58 21.46
N GLY C 336 -5.37 -15.60 22.69
CA GLY C 336 -6.46 -16.48 23.07
C GLY C 336 -7.84 -15.85 22.96
N ALA C 337 -8.80 -16.43 23.67
CA ALA C 337 -10.20 -16.09 23.54
C ALA C 337 -10.52 -14.59 23.51
N VAL C 338 -9.82 -13.75 24.27
CA VAL C 338 -10.25 -12.35 24.31
C VAL C 338 -9.99 -11.68 22.96
N ILE C 339 -8.91 -12.08 22.29
CA ILE C 339 -8.73 -11.67 20.92
C ILE C 339 -9.71 -12.42 20.03
N MET C 340 -9.70 -13.72 20.10
CA MET C 340 -10.44 -14.48 19.12
C MET C 340 -11.92 -14.11 18.98
N GLU C 341 -12.50 -13.61 20.07
CA GLU C 341 -13.95 -13.41 20.14
C GLU C 341 -14.38 -12.28 19.25
N GLY C 342 -13.55 -11.27 19.12
CA GLY C 342 -13.87 -10.22 18.18
C GLY C 342 -14.03 -10.80 16.77
N PHE C 343 -13.33 -11.88 16.46
CA PHE C 343 -13.04 -12.22 15.08
C PHE C 343 -13.52 -13.58 14.63
N TYR C 344 -13.89 -13.63 13.36
CA TYR C 344 -13.94 -14.88 12.66
C TYR C 344 -12.50 -15.19 12.28
N VAL C 345 -12.00 -16.31 12.78
CA VAL C 345 -10.62 -16.75 12.55
C VAL C 345 -10.51 -17.98 11.67
N VAL C 346 -9.85 -17.84 10.54
CA VAL C 346 -9.77 -18.93 9.59
C VAL C 346 -8.40 -19.57 9.64
N PHE C 347 -8.34 -20.86 9.93
CA PHE C 347 -7.10 -21.63 10.00
C PHE C 347 -6.91 -22.33 8.68
N ASP C 348 -6.33 -21.62 7.70
CA ASP C 348 -6.21 -22.12 6.32
C ASP C 348 -4.91 -22.88 6.19
N ARG C 349 -4.94 -24.06 6.77
CA ARG C 349 -3.79 -24.94 6.76
C ARG C 349 -3.29 -25.21 5.33
N ALA C 350 -4.19 -25.32 4.36
CA ALA C 350 -3.79 -25.70 3.01
C ALA C 350 -2.93 -24.64 2.35
N ARG C 351 -3.18 -23.39 2.71
CA ARG C 351 -2.39 -22.29 2.15
C ARG C 351 -1.50 -21.68 3.21
N LYS C 352 -1.28 -22.41 4.30
CA LYS C 352 -0.32 -22.06 5.33
C LYS C 352 -0.55 -20.62 5.83
N ARG C 353 -1.81 -20.28 6.08
CA ARG C 353 -2.14 -18.93 6.56
C ARG C 353 -3.35 -18.84 7.47
N ILE C 354 -3.43 -17.73 8.17
CA ILE C 354 -4.51 -17.54 9.11
C ILE C 354 -5.26 -16.29 8.77
N GLY C 355 -6.58 -16.40 8.75
CA GLY C 355 -7.42 -15.31 8.28
C GLY C 355 -8.16 -14.67 9.42
N PHE C 356 -8.40 -13.37 9.29
CA PHE C 356 -9.14 -12.58 10.29
C PHE C 356 -10.19 -11.67 9.67
N ALA C 357 -11.37 -11.69 10.29
CA ALA C 357 -12.45 -10.83 9.88
C ALA C 357 -13.32 -10.49 11.07
N VAL C 358 -13.89 -9.30 11.06
CA VAL C 358 -14.80 -8.88 12.13
C VAL C 358 -15.96 -9.87 12.29
N SER C 359 -16.12 -10.35 13.52
CA SER C 359 -17.08 -11.38 13.81
C SER C 359 -18.46 -10.75 13.89
N ALA C 360 -19.44 -11.45 13.34
CA ALA C 360 -20.85 -11.07 13.39
C ALA C 360 -21.40 -11.14 14.81
N CYS C 361 -20.93 -12.08 15.61
CA CYS C 361 -21.33 -12.18 17.02
C CYS C 361 -20.33 -11.48 17.95
N HIS C 362 -19.55 -10.53 17.48
CA HIS C 362 -18.73 -9.76 18.41
C HIS C 362 -19.60 -8.72 19.09
N VAL C 363 -19.16 -8.32 20.28
CA VAL C 363 -19.91 -7.48 21.22
C VAL C 363 -19.46 -6.00 21.12
N HIS C 364 -20.43 -5.12 20.93
CA HIS C 364 -20.14 -3.77 20.44
C HIS C 364 -21.11 -2.73 20.99
N ASP C 365 -20.54 -1.70 21.64
CA ASP C 365 -21.27 -0.47 21.89
C ASP C 365 -21.48 0.21 20.52
N GLU C 366 -22.37 1.20 20.46
CA GLU C 366 -22.66 1.88 19.20
C GLU C 366 -21.73 3.08 18.92
N PHE C 367 -20.56 3.10 19.57
CA PHE C 367 -19.58 4.16 19.33
C PHE C 367 -18.27 3.64 18.74
N ARG C 368 -17.91 2.41 19.09
CA ARG C 368 -16.74 1.74 18.54
C ARG C 368 -17.06 0.28 18.23
N THR C 369 -16.32 -0.28 17.28
CA THR C 369 -16.50 -1.67 16.87
C THR C 369 -15.10 -2.33 16.69
N ALA C 370 -15.01 -3.63 16.91
CA ALA C 370 -13.79 -4.37 16.51
C ALA C 370 -13.53 -4.20 15.00
N ALA C 371 -12.26 -4.20 14.61
CA ALA C 371 -11.90 -3.97 13.21
C ALA C 371 -10.79 -4.86 12.72
N VAL C 372 -10.87 -5.22 11.46
CA VAL C 372 -9.73 -5.71 10.71
C VAL C 372 -9.57 -4.73 9.57
N GLU C 373 -8.43 -4.06 9.52
CA GLU C 373 -8.17 -3.01 8.54
C GLU C 373 -6.85 -3.16 7.81
N GLY C 374 -6.90 -2.93 6.51
CA GLY C 374 -5.70 -2.95 5.70
C GLY C 374 -5.93 -2.35 4.35
N PRO C 375 -4.87 -2.23 3.55
CA PRO C 375 -3.50 -2.57 3.88
C PRO C 375 -2.73 -1.42 4.54
N PHE C 376 -1.57 -1.78 5.07
CA PHE C 376 -0.63 -0.87 5.68
C PHE C 376 0.73 -1.24 5.16
N VAL C 377 1.66 -0.30 5.18
CA VAL C 377 3.04 -0.58 4.75
C VAL C 377 3.97 -0.77 5.93
N THR C 378 4.76 -1.83 5.90
CA THR C 378 5.72 -2.13 6.96
C THR C 378 6.96 -2.75 6.40
N LEU C 379 8.11 -2.26 6.84
CA LEU C 379 9.38 -2.72 6.32
C LEU C 379 9.90 -3.79 7.22
N ASP C 380 10.71 -4.69 6.65
CA ASP C 380 11.48 -5.75 7.34
C ASP C 380 10.68 -6.63 8.27
N MET C 381 9.58 -7.21 7.81
CA MET C 381 8.63 -7.90 8.70
C MET C 381 9.20 -9.20 9.21
N GLU C 382 10.03 -9.85 8.42
CA GLU C 382 10.69 -11.07 8.91
C GLU C 382 11.50 -10.81 10.18
N ASP C 383 12.09 -9.64 10.28
CA ASP C 383 12.99 -9.38 11.38
C ASP C 383 12.21 -9.61 12.65
N CYS C 384 10.92 -9.27 12.64
CA CYS C 384 10.13 -9.35 13.87
C CYS C 384 9.96 -10.75 14.36
N GLY C 385 10.28 -11.75 13.54
CA GLY C 385 10.36 -13.12 14.01
C GLY C 385 11.48 -13.23 15.03
N TYR C 386 11.27 -13.98 16.10
CA TYR C 386 12.33 -14.23 17.06
C TYR C 386 13.05 -15.50 16.62
N ASN C 387 14.33 -15.65 16.93
CA ASN C 387 15.05 -16.88 16.64
C ASN C 387 15.77 -17.44 17.88
N ILE C 388 15.13 -18.42 18.54
CA ILE C 388 15.80 -19.45 19.39
C ILE C 388 16.78 -18.95 20.50
N GLU D 1 5.58 -5.95 -37.16
CA GLU D 1 4.67 -5.72 -36.06
C GLU D 1 3.61 -6.80 -35.97
N ILE D 2 3.49 -7.42 -34.88
CA ILE D 2 2.77 -8.68 -34.73
C ILE D 2 1.59 -8.53 -33.76
N GLU E 1 12.71 37.49 -1.84
CA GLU E 1 13.00 36.27 -1.11
C GLU E 1 13.10 36.52 0.38
N ILE E 2 12.35 35.75 1.16
CA ILE E 2 12.34 35.90 2.62
C ILE E 2 12.57 34.55 3.31
N GLU F 1 -10.67 -19.16 33.70
CA GLU F 1 -9.42 -18.94 32.95
C GLU F 1 -8.76 -20.26 32.60
N ILE F 2 -8.22 -20.35 31.38
CA ILE F 2 -7.54 -21.56 30.92
C ILE F 2 -6.26 -21.22 30.19
#